data_5MI6
#
_entry.id   5MI6
#
_cell.length_a   196.023
_cell.length_b   51.662
_cell.length_c   112.258
_cell.angle_alpha   90.00
_cell.angle_beta   113.34
_cell.angle_gamma   90.00
#
_symmetry.space_group_name_H-M   'C 1 2 1'
#
loop_
_entity.id
_entity.type
_entity.pdbx_description
1 polymer 'O-GlcNAcase BT_4395'
2 non-polymer (3AR,5R,6S,7R,7AR)-2-(ETHYLAMINO)-5-(HYDROXYMETHYL)-5,6,7,7A-TETRAHYDRO-3AH-PYRANO[3,2-D][1,3]THIAZOLE-6,7-DIOL
3 non-polymer ~{N}-(4-ethoxyquinazolin-2-yl)propanamide
4 non-polymer 1,2-ETHANEDIOL
5 non-polymer 'CALCIUM ION'
6 water water
#
_entity_poly.entity_id   1
_entity_poly.type   'polypeptide(L)'
_entity_poly.pdbx_seq_one_letter_code
;MGSSHHHHHHQWNVSLQPPPQQLIVQNKTIDLPAVYQLNGGEEANPHAVKVLKELLSGKQSSKKGMLISIGEKGDKSVRK
YSRQIPDHKEGYYLSVNEKEIVLAGNDERGTYYALQTFAQLLKDGKLPEVEIKDYPSVRYRGVVEGFYGTPWSHQARLSQ
LKFYGKNKMNTYIYGPKDDPYHSAPNWRLPYPDKEAAQLQELVAVANENEVDFVWAIHPGQDIKWNKEDRDLLLAKFEKM
YQLGVRSFAVFFDDISGEGTNPQKQAELLNYIDEKFAQVKPDINQLVMCPTEYNKSWSNPNGNYLTTLGDKLNPSIQIMW
TGDRVISDITRDGISWINERIKRPAYIWWNFPVSDYVRDHLLLGPVYGNDTTIAKEMSGFVTNPMEHAESSKIAIYSVAS
YAWNPAKYDTWQTWKDAIRTILPSAAEELESFAMHNSDLGPNGHGYRREESMDIQPAAERFLKAFKEGKNYDKADFETLQ
YTFERMKESADILLMNTENKPLIVEITPWVHQFKLTAEMGEEVLKMVEGRNESYFLRKYNHVKALQQQMFYIDQTSNQNP
CQPGVKTATRVIKPLIDRTFATVVKFFNQKFNAHLDATTDYMPHKMISNVEQIKNLPLQVKANRVLISPANEVVKWAAGN
SVEIELDAIYPGENIQINFGKDAPSTWGRLEISTDGKEWKTVDLKQKESRLSAGLQKAPVKFVRFTNVSDEEQQVYLRQF
VLTIEKK
;
_entity_poly.pdbx_strand_id   A
#
# COMPACT_ATOMS: atom_id res chain seq x y z
N SER A 15 1.17 22.39 -7.97
CA SER A 15 -0.27 22.63 -8.22
C SER A 15 -1.01 22.38 -6.88
N LEU A 16 -2.02 23.21 -6.56
CA LEU A 16 -2.90 22.96 -5.41
C LEU A 16 -3.48 21.54 -5.31
N GLN A 17 -3.28 20.89 -4.14
CA GLN A 17 -3.78 19.52 -3.90
C GLN A 17 -4.43 19.39 -2.51
N PRO A 18 -5.63 18.80 -2.44
CA PRO A 18 -6.52 18.53 -3.58
C PRO A 18 -6.98 19.80 -4.32
N PRO A 19 -7.34 19.69 -5.60
CA PRO A 19 -7.72 20.89 -6.37
C PRO A 19 -9.08 21.44 -5.92
N PRO A 20 -9.16 22.75 -5.71
CA PRO A 20 -10.42 23.33 -5.23
C PRO A 20 -11.60 23.16 -6.19
N GLN A 21 -12.78 23.15 -5.65
CA GLN A 21 -14.00 23.06 -6.46
C GLN A 21 -14.10 24.25 -7.41
N GLN A 22 -13.78 25.43 -6.93
CA GLN A 22 -13.86 26.61 -7.74
C GLN A 22 -12.67 27.51 -7.49
N LEU A 23 -12.05 28.00 -8.56
CA LEU A 23 -10.81 28.74 -8.46
C LEU A 23 -10.75 29.79 -9.55
N ILE A 24 -10.49 31.05 -9.18
CA ILE A 24 -10.32 32.15 -10.15
C ILE A 24 -9.01 32.87 -9.79
N VAL A 25 -8.06 32.86 -10.74
CA VAL A 25 -6.73 33.44 -10.57
C VAL A 25 -6.61 34.65 -11.47
N GLN A 26 -5.87 35.66 -11.01
CA GLN A 26 -5.80 36.98 -11.64
C GLN A 26 -4.46 37.38 -12.27
N ASN A 27 -3.39 36.65 -11.98
CA ASN A 27 -2.05 37.01 -12.53
C ASN A 27 -1.47 38.37 -12.07
N LYS A 28 -2.07 39.02 -11.08
CA LYS A 28 -1.32 39.88 -10.17
C LYS A 28 -0.75 38.95 -9.10
N THR A 29 0.25 39.42 -8.36
CA THR A 29 0.67 38.73 -7.14
C THR A 29 0.91 39.79 -6.08
N ILE A 30 0.85 39.43 -4.80
CA ILE A 30 0.99 40.41 -3.73
C ILE A 30 1.88 39.86 -2.63
N ASP A 31 2.63 40.75 -2.01
CA ASP A 31 3.54 40.35 -0.96
C ASP A 31 2.74 40.08 0.31
N LEU A 32 2.94 38.89 0.88
CA LEU A 32 2.49 38.60 2.24
C LEU A 32 2.83 39.84 3.08
N PRO A 33 1.84 40.42 3.76
CA PRO A 33 2.05 41.73 4.36
C PRO A 33 3.11 41.75 5.45
N ALA A 34 4.07 42.68 5.30
CA ALA A 34 5.10 42.99 6.29
C ALA A 34 4.44 43.53 7.57
N VAL A 35 3.43 44.37 7.37
CA VAL A 35 2.60 44.87 8.43
C VAL A 35 1.15 44.48 8.12
N TYR A 36 0.48 43.84 9.09
CA TYR A 36 -0.88 43.33 8.91
C TYR A 36 -1.72 43.58 10.14
N GLN A 37 -3.03 43.48 9.95
CA GLN A 37 -4.02 43.66 11.00
C GLN A 37 -4.91 42.41 11.03
N LEU A 38 -4.90 41.66 12.13
CA LEU A 38 -5.58 40.36 12.18
C LEU A 38 -6.94 40.47 12.84
N ASN A 39 -7.97 40.02 12.15
CA ASN A 39 -9.32 40.10 12.63
C ASN A 39 -9.86 38.65 12.73
N GLY A 40 -10.27 38.26 13.94
CA GLY A 40 -10.79 36.93 14.22
C GLY A 40 -9.87 35.90 14.90
N GLY A 41 -8.66 36.30 15.27
CA GLY A 41 -7.75 35.40 16.00
C GLY A 41 -8.31 34.77 17.27
N GLU A 42 -9.16 35.49 17.99
CA GLU A 42 -9.73 34.97 19.23
C GLU A 42 -11.04 34.26 19.02
N GLU A 43 -11.56 34.20 17.79
CA GLU A 43 -12.87 33.56 17.55
C GLU A 43 -12.89 32.47 16.49
N ALA A 44 -11.86 32.37 15.66
CA ALA A 44 -11.75 31.27 14.68
C ALA A 44 -11.12 30.00 15.28
N ASN A 45 -11.31 28.88 14.58
CA ASN A 45 -10.68 27.60 14.91
C ASN A 45 -9.24 27.81 15.36
N PRO A 46 -8.94 27.52 16.63
CA PRO A 46 -7.56 27.68 17.15
C PRO A 46 -6.50 26.89 16.35
N HIS A 47 -6.85 25.74 15.82
CA HIS A 47 -5.89 24.99 14.99
C HIS A 47 -5.62 25.74 13.67
N ALA A 48 -6.61 26.47 13.16
CA ALA A 48 -6.38 27.35 12.00
C ALA A 48 -5.55 28.57 12.34
N VAL A 49 -5.83 29.19 13.47
CA VAL A 49 -5.09 30.40 13.87
C VAL A 49 -3.60 30.13 14.10
N LYS A 50 -3.33 28.99 14.70
CA LYS A 50 -1.95 28.49 14.87
C LYS A 50 -1.18 28.37 13.55
N VAL A 51 -1.75 27.69 12.55
CA VAL A 51 -1.13 27.69 11.20
C VAL A 51 -0.86 29.10 10.65
N LEU A 52 -1.84 29.99 10.76
CA LEU A 52 -1.72 31.35 10.28
C LEU A 52 -0.56 32.10 10.94
N LYS A 53 -0.49 32.06 12.26
CA LYS A 53 0.61 32.71 12.98
C LYS A 53 2.02 32.15 12.69
N GLU A 54 2.12 30.86 12.39
CA GLU A 54 3.39 30.29 11.90
C GLU A 54 3.72 30.89 10.54
N LEU A 55 2.75 30.96 9.66
CA LEU A 55 2.96 31.57 8.34
C LEU A 55 3.30 33.08 8.40
N LEU A 56 2.87 33.76 9.46
CA LEU A 56 3.07 35.21 9.61
C LEU A 56 4.17 35.60 10.62
N SER A 57 4.89 34.66 11.21
CA SER A 57 5.89 35.02 12.23
C SER A 57 6.99 35.87 11.57
N GLY A 58 7.54 36.82 12.35
CA GLY A 58 8.46 37.83 11.83
C GLY A 58 7.83 39.04 11.13
N LYS A 59 6.50 39.04 10.93
CA LYS A 59 5.78 40.16 10.33
C LYS A 59 5.08 40.89 11.48
N GLN A 60 4.74 42.16 11.28
CA GLN A 60 4.20 42.97 12.40
C GLN A 60 2.68 42.98 12.47
N SER A 61 2.15 42.44 13.57
CA SER A 61 0.77 42.60 13.97
C SER A 61 0.59 43.99 14.56
N SER A 62 -0.24 44.79 13.92
CA SER A 62 -0.52 46.16 14.36
C SER A 62 -1.87 46.62 13.82
N LYS A 63 -2.41 47.66 14.43
CA LYS A 63 -3.74 48.15 14.11
C LYS A 63 -3.85 48.76 12.70
N LYS A 64 -2.75 49.28 12.18
CA LYS A 64 -2.70 49.73 10.80
C LYS A 64 -2.26 48.56 9.94
N GLY A 65 -2.48 48.67 8.63
CA GLY A 65 -1.88 47.74 7.67
C GLY A 65 -2.90 46.77 7.13
N MET A 66 -2.43 45.85 6.29
CA MET A 66 -3.30 44.95 5.53
C MET A 66 -4.20 44.09 6.43
N LEU A 67 -5.48 44.04 6.08
CA LEU A 67 -6.46 43.27 6.85
C LEU A 67 -6.46 41.80 6.45
N ILE A 68 -6.35 40.95 7.47
CA ILE A 68 -6.55 39.52 7.31
C ILE A 68 -7.70 39.14 8.23
N SER A 69 -8.68 38.47 7.63
CA SER A 69 -9.90 38.10 8.33
C SER A 69 -10.03 36.58 8.29
N ILE A 70 -10.13 35.99 9.48
CA ILE A 70 -10.27 34.57 9.63
C ILE A 70 -11.44 34.32 10.58
N GLY A 71 -12.31 33.39 10.21
CA GLY A 71 -13.38 32.99 11.07
C GLY A 71 -14.24 31.95 10.38
N GLU A 72 -15.19 31.41 11.11
CA GLU A 72 -16.27 30.55 10.62
C GLU A 72 -17.52 31.42 10.43
N LYS A 73 -18.39 31.05 9.49
CA LYS A 73 -19.72 31.61 9.37
C LYS A 73 -20.37 31.79 10.76
N GLY A 74 -20.87 32.98 11.06
CA GLY A 74 -21.35 33.28 12.43
C GLY A 74 -20.40 34.14 13.23
N ASP A 75 -19.10 34.03 13.01
CA ASP A 75 -18.14 34.93 13.66
C ASP A 75 -18.26 36.33 13.13
N LYS A 76 -18.02 37.29 14.01
CA LYS A 76 -18.01 38.71 13.66
C LYS A 76 -17.04 39.06 12.58
N SER A 77 -15.91 38.37 12.59
CA SER A 77 -14.80 38.66 11.72
C SER A 77 -15.15 38.51 10.24
N VAL A 78 -16.03 37.57 9.90
CA VAL A 78 -16.32 37.29 8.51
C VAL A 78 -17.79 37.56 8.10
N ARG A 79 -18.50 38.37 8.89
CA ARG A 79 -19.88 38.81 8.56
C ARG A 79 -20.05 39.38 7.15
N LYS A 80 -19.07 40.15 6.72
CA LYS A 80 -19.11 40.75 5.41
C LYS A 80 -19.09 39.71 4.29
N TYR A 81 -18.55 38.51 4.55
CA TYR A 81 -18.30 37.52 3.52
C TYR A 81 -19.24 36.33 3.58
N SER A 82 -20.27 36.41 4.39
CA SER A 82 -21.14 35.23 4.58
C SER A 82 -21.81 34.69 3.34
N ARG A 83 -22.10 35.50 2.33
CA ARG A 83 -22.69 34.96 1.08
C ARG A 83 -21.68 34.20 0.21
N GLN A 84 -20.39 34.49 0.39
CA GLN A 84 -19.32 33.83 -0.34
C GLN A 84 -19.01 32.42 0.18
N ILE A 85 -19.38 32.12 1.43
CA ILE A 85 -18.96 30.92 2.09
C ILE A 85 -19.82 29.79 1.61
N PRO A 86 -19.24 28.72 1.03
CA PRO A 86 -20.08 27.57 0.61
C PRO A 86 -20.86 26.96 1.76
N ASP A 87 -22.09 26.53 1.48
CA ASP A 87 -22.91 25.96 2.50
C ASP A 87 -22.80 24.46 2.34
N HIS A 88 -21.62 23.97 2.72
CA HIS A 88 -21.27 22.56 2.61
C HIS A 88 -20.44 22.29 3.83
N LYS A 89 -20.66 21.13 4.43
CA LYS A 89 -19.72 20.64 5.48
C LYS A 89 -18.26 20.66 5.00
N GLU A 90 -17.41 21.26 5.80
CA GLU A 90 -15.99 21.44 5.56
C GLU A 90 -15.68 22.39 4.39
N GLY A 91 -16.64 23.25 4.04
CA GLY A 91 -16.45 24.23 3.02
C GLY A 91 -15.68 25.45 3.53
N TYR A 92 -15.14 26.20 2.59
CA TYR A 92 -14.56 27.50 2.86
C TYR A 92 -14.48 28.44 1.62
N TYR A 93 -14.26 29.70 1.96
CA TYR A 93 -14.03 30.74 1.03
C TYR A 93 -12.69 31.31 1.36
N LEU A 94 -11.86 31.46 0.33
CA LEU A 94 -10.56 32.04 0.49
C LEU A 94 -10.40 33.11 -0.60
N SER A 95 -9.84 34.26 -0.21
CA SER A 95 -9.63 35.36 -1.10
C SER A 95 -8.36 36.10 -0.76
N VAL A 96 -7.59 36.46 -1.79
CA VAL A 96 -6.43 37.32 -1.67
C VAL A 96 -6.52 38.39 -2.76
N ASN A 97 -6.43 39.66 -2.37
CA ASN A 97 -6.25 40.77 -3.33
C ASN A 97 -5.36 41.82 -2.71
N GLU A 98 -5.21 42.96 -3.39
CA GLU A 98 -4.36 44.06 -2.93
C GLU A 98 -4.74 44.56 -1.56
N LYS A 99 -6.03 44.65 -1.28
CA LYS A 99 -6.42 45.28 -0.02
C LYS A 99 -6.56 44.30 1.13
N GLU A 100 -7.02 43.07 0.88
CA GLU A 100 -7.25 42.14 1.99
C GLU A 100 -7.16 40.62 1.69
N ILE A 101 -6.97 39.88 2.78
CA ILE A 101 -7.01 38.43 2.78
C ILE A 101 -8.20 37.95 3.62
N VAL A 102 -8.95 36.97 3.10
CA VAL A 102 -10.11 36.37 3.79
C VAL A 102 -9.98 34.85 3.80
N LEU A 103 -10.09 34.27 5.00
CA LEU A 103 -10.00 32.84 5.23
C LEU A 103 -11.21 32.44 6.05
N ALA A 104 -12.27 31.98 5.39
CA ALA A 104 -13.56 31.82 6.05
C ALA A 104 -14.24 30.49 5.87
N GLY A 105 -14.40 29.75 6.96
CA GLY A 105 -14.99 28.42 6.90
C GLY A 105 -16.50 28.45 7.05
N ASN A 106 -17.15 27.45 6.49
CA ASN A 106 -18.50 27.20 6.82
C ASN A 106 -18.59 26.71 8.25
N ASP A 107 -17.59 25.97 8.68
CA ASP A 107 -17.52 25.42 10.02
C ASP A 107 -16.05 25.39 10.36
N GLU A 108 -15.74 25.00 11.59
CA GLU A 108 -14.37 25.06 12.09
C GLU A 108 -13.34 24.28 11.26
N ARG A 109 -13.73 23.11 10.80
CA ARG A 109 -12.80 22.34 10.00
C ARG A 109 -12.55 23.03 8.64
N GLY A 110 -13.60 23.70 8.13
CA GLY A 110 -13.48 24.44 6.90
C GLY A 110 -12.43 25.51 7.01
N THR A 111 -12.35 26.18 8.15
CA THR A 111 -11.35 27.25 8.33
C THR A 111 -9.94 26.65 8.31
N TYR A 112 -9.78 25.51 8.97
CA TYR A 112 -8.48 24.83 8.96
C TYR A 112 -8.09 24.50 7.52
N TYR A 113 -9.01 23.92 6.76
CA TYR A 113 -8.76 23.62 5.38
C TYR A 113 -8.50 24.84 4.51
N ALA A 114 -9.17 25.95 4.75
CA ALA A 114 -8.76 27.19 4.12
C ALA A 114 -7.27 27.48 4.28
N LEU A 115 -6.78 27.21 5.46
CA LEU A 115 -5.39 27.56 5.80
C LEU A 115 -4.42 26.58 5.15
N GLN A 116 -4.88 25.35 4.85
CA GLN A 116 -4.04 24.37 4.18
C GLN A 116 -3.92 24.71 2.73
N THR A 117 -4.96 25.35 2.16
CA THR A 117 -4.84 25.84 0.80
C THR A 117 -3.95 27.10 0.78
N PHE A 118 -4.22 28.05 1.68
CA PHE A 118 -3.40 29.24 1.86
C PHE A 118 -1.90 28.89 1.87
N ALA A 119 -1.50 27.94 2.71
CA ALA A 119 -0.08 27.54 2.83
C ALA A 119 0.60 27.11 1.52
N GLN A 120 -0.12 26.42 0.63
CA GLN A 120 0.36 26.05 -0.69
C GLN A 120 0.42 27.22 -1.67
N LEU A 121 -0.37 28.28 -1.46
CA LEU A 121 -0.37 29.46 -2.33
C LEU A 121 0.86 30.36 -2.08
N LEU A 122 1.31 30.37 -0.84
CA LEU A 122 2.42 31.22 -0.41
C LEU A 122 3.79 30.71 -0.92
N LYS A 123 4.43 31.43 -1.81
CA LYS A 123 5.70 31.01 -2.41
C LYS A 123 6.65 32.21 -2.50
N ASP A 124 7.80 32.15 -1.81
CA ASP A 124 8.81 33.24 -1.75
C ASP A 124 8.21 34.52 -1.18
N GLY A 125 7.46 34.39 -0.10
CA GLY A 125 6.77 35.51 0.53
C GLY A 125 5.69 36.22 -0.30
N LYS A 126 5.26 35.57 -1.37
CA LYS A 126 4.30 36.12 -2.33
C LYS A 126 3.10 35.17 -2.52
N LEU A 127 1.98 35.76 -2.90
CA LEU A 127 0.72 35.07 -3.06
C LEU A 127 0.13 35.51 -4.34
N PRO A 128 -0.58 34.62 -5.03
CA PRO A 128 -1.30 35.11 -6.17
C PRO A 128 -2.60 35.81 -5.73
N GLU A 129 -3.06 36.76 -6.54
CA GLU A 129 -4.39 37.33 -6.38
C GLU A 129 -5.41 36.28 -6.83
N VAL A 130 -6.26 35.83 -5.91
CA VAL A 130 -7.06 34.62 -6.14
C VAL A 130 -8.34 34.64 -5.32
N GLU A 131 -9.32 33.90 -5.80
CA GLU A 131 -10.56 33.73 -5.12
C GLU A 131 -11.00 32.29 -5.28
N ILE A 132 -11.33 31.64 -4.16
CA ILE A 132 -11.59 30.18 -4.13
C ILE A 132 -12.82 29.88 -3.34
N LYS A 133 -13.63 28.93 -3.82
CA LYS A 133 -14.71 28.34 -3.06
C LYS A 133 -14.61 26.85 -3.18
N ASP A 134 -14.55 26.18 -2.04
CA ASP A 134 -14.10 24.79 -1.97
C ASP A 134 -14.83 24.05 -0.88
N TYR A 135 -14.85 22.74 -1.06
CA TYR A 135 -15.53 21.81 -0.16
C TYR A 135 -15.36 20.42 -0.76
N PRO A 136 -15.51 19.37 0.07
CA PRO A 136 -15.26 18.03 -0.41
C PRO A 136 -16.44 17.42 -1.10
N SER A 137 -16.22 16.58 -2.10
CA SER A 137 -17.31 15.82 -2.75
C SER A 137 -17.69 14.56 -2.03
N VAL A 138 -16.77 14.00 -1.24
CA VAL A 138 -17.02 12.79 -0.47
C VAL A 138 -16.90 13.22 1.01
N ARG A 139 -17.87 12.83 1.84
CA ARG A 139 -17.94 13.30 3.25
C ARG A 139 -16.78 12.79 4.14
N TYR A 140 -16.47 11.49 4.02
CA TYR A 140 -15.39 10.85 4.80
C TYR A 140 -14.28 10.39 3.89
N ARG A 141 -13.06 10.93 4.13
CA ARG A 141 -11.88 10.68 3.30
C ARG A 141 -10.67 10.35 4.15
N GLY A 142 -9.98 9.26 3.83
CA GLY A 142 -8.88 8.85 4.64
C GLY A 142 -8.21 7.49 4.46
N VAL A 143 -7.75 6.94 5.59
CA VAL A 143 -6.90 5.77 5.65
C VAL A 143 -7.47 4.81 6.68
N VAL A 144 -7.46 3.53 6.35
CA VAL A 144 -7.73 2.49 7.34
C VAL A 144 -6.46 1.64 7.44
N GLU A 145 -5.77 1.71 8.58
CA GLU A 145 -4.65 0.81 8.87
C GLU A 145 -5.33 -0.49 9.26
N GLY A 146 -5.66 -1.29 8.26
CA GLY A 146 -6.50 -2.49 8.44
C GLY A 146 -5.85 -3.74 7.88
N PHE A 147 -4.55 -3.68 7.68
CA PHE A 147 -3.82 -4.81 7.02
C PHE A 147 -3.33 -5.86 8.00
N TYR A 148 -2.88 -7.02 7.47
CA TYR A 148 -2.11 -8.04 8.23
C TYR A 148 -0.63 -7.76 8.14
N GLY A 149 0.11 -8.04 9.22
CA GLY A 149 1.55 -7.77 9.29
C GLY A 149 1.94 -6.76 10.36
N THR A 150 3.18 -6.33 10.32
CA THR A 150 3.72 -5.41 11.32
C THR A 150 2.95 -4.09 11.34
N PRO A 151 2.20 -3.83 12.43
CA PRO A 151 1.49 -2.57 12.51
C PRO A 151 2.46 -1.38 12.48
N TRP A 152 1.93 -0.27 12.03
CA TRP A 152 2.71 0.94 11.94
C TRP A 152 3.31 1.31 13.34
N SER A 153 4.55 1.82 13.35
CA SER A 153 5.09 2.32 14.60
C SER A 153 4.35 3.55 15.05
N HIS A 154 4.52 3.87 16.33
CA HIS A 154 3.98 5.07 16.92
C HIS A 154 4.49 6.32 16.19
N GLN A 155 5.78 6.36 15.91
CA GLN A 155 6.36 7.50 15.15
C GLN A 155 5.76 7.60 13.73
N ALA A 156 5.60 6.46 13.07
CA ALA A 156 5.06 6.48 11.72
C ALA A 156 3.67 7.12 11.79
N ARG A 157 2.87 6.72 12.80
CA ARG A 157 1.51 7.24 12.93
C ARG A 157 1.45 8.75 13.26
N LEU A 158 2.32 9.26 14.12
CA LEU A 158 2.39 10.69 14.31
C LEU A 158 2.53 11.42 12.98
N SER A 159 3.49 10.98 12.19
CA SER A 159 3.78 11.59 10.92
C SER A 159 2.57 11.44 9.95
N GLN A 160 1.93 10.28 9.92
CA GLN A 160 0.76 10.13 9.09
C GLN A 160 -0.31 11.20 9.40
N LEU A 161 -0.61 11.40 10.69
CA LEU A 161 -1.69 12.30 11.06
C LEU A 161 -1.46 13.74 10.65
N LYS A 162 -0.22 14.19 10.63
CA LYS A 162 0.01 15.55 10.16
C LYS A 162 -0.19 15.63 8.67
N PHE A 163 0.26 14.57 7.99
CA PHE A 163 0.13 14.44 6.53
C PHE A 163 -1.35 14.46 6.09
N TYR A 164 -2.23 13.89 6.94
CA TYR A 164 -3.66 13.83 6.62
C TYR A 164 -4.26 15.20 6.68
N GLY A 165 -3.95 15.91 7.73
CA GLY A 165 -4.35 17.27 7.87
C GLY A 165 -3.98 18.17 6.72
N LYS A 166 -2.73 18.08 6.26
CA LYS A 166 -2.29 18.91 5.12
C LYS A 166 -3.04 18.63 3.80
N ASN A 167 -3.54 17.43 3.63
CA ASN A 167 -4.24 16.99 2.43
C ASN A 167 -5.73 16.84 2.63
N LYS A 168 -6.23 17.40 3.74
CA LYS A 168 -7.65 17.44 4.04
C LYS A 168 -8.29 16.06 4.11
N MET A 169 -7.54 15.05 4.52
CA MET A 169 -8.18 13.78 4.87
C MET A 169 -8.73 13.88 6.30
N ASN A 170 -10.00 13.57 6.51
CA ASN A 170 -10.60 13.75 7.84
C ASN A 170 -10.78 12.46 8.65
N THR A 171 -10.19 11.36 8.20
CA THR A 171 -10.49 10.04 8.75
C THR A 171 -9.28 9.12 8.85
N TYR A 172 -8.97 8.65 10.05
CA TYR A 172 -7.99 7.59 10.30
C TYR A 172 -8.67 6.51 11.08
N ILE A 173 -8.84 5.32 10.48
CA ILE A 173 -9.46 4.20 11.12
C ILE A 173 -8.35 3.22 11.58
N TYR A 174 -8.26 3.03 12.89
CA TYR A 174 -7.22 2.19 13.50
C TYR A 174 -7.76 0.78 13.59
N GLY A 175 -7.19 -0.14 12.85
CA GLY A 175 -7.59 -1.56 12.93
C GLY A 175 -6.54 -2.57 12.46
N PRO A 176 -5.28 -2.46 12.94
CA PRO A 176 -4.28 -3.47 12.48
C PRO A 176 -4.64 -4.87 12.90
N LYS A 177 -4.73 -5.79 11.92
CA LYS A 177 -5.13 -7.16 12.23
C LYS A 177 -4.27 -7.88 13.30
N ASP A 178 -3.00 -7.54 13.40
CA ASP A 178 -2.10 -8.19 14.34
C ASP A 178 -2.03 -7.49 15.72
N ASP A 179 -2.86 -6.48 15.97
CA ASP A 179 -2.94 -5.89 17.28
C ASP A 179 -3.84 -6.78 18.16
N PRO A 180 -3.28 -7.45 19.20
CA PRO A 180 -4.08 -8.35 20.04
C PRO A 180 -5.21 -7.66 20.86
N TYR A 181 -5.10 -6.37 21.16
CA TYR A 181 -6.16 -5.57 21.82
C TYR A 181 -7.25 -5.05 20.86
N HIS A 182 -7.00 -5.11 19.57
CA HIS A 182 -7.97 -4.79 18.54
C HIS A 182 -8.74 -6.05 18.15
N SER A 183 -8.04 -7.16 18.05
CA SER A 183 -8.59 -8.43 17.53
C SER A 183 -8.46 -9.58 18.55
N ALA A 184 -8.54 -10.81 18.04
CA ALA A 184 -8.20 -12.07 18.74
C ALA A 184 -6.78 -12.00 19.30
N PRO A 185 -6.54 -12.43 20.53
CA PRO A 185 -7.52 -12.83 21.52
C PRO A 185 -7.92 -11.75 22.53
N ASN A 186 -7.24 -10.61 22.65
CA ASN A 186 -7.42 -9.74 23.81
C ASN A 186 -8.33 -8.50 23.56
N TRP A 187 -9.29 -8.62 22.67
CA TRP A 187 -10.11 -7.45 22.33
C TRP A 187 -10.99 -6.99 23.49
N ARG A 188 -11.22 -7.91 24.44
CA ARG A 188 -11.95 -7.63 25.69
C ARG A 188 -11.16 -6.84 26.69
N LEU A 189 -9.84 -6.81 26.58
CA LEU A 189 -9.02 -6.12 27.59
C LEU A 189 -8.68 -4.68 27.27
N PRO A 190 -8.55 -3.84 28.28
CA PRO A 190 -8.02 -2.50 27.99
C PRO A 190 -6.54 -2.57 27.59
N TYR A 191 -6.11 -1.64 26.73
CA TYR A 191 -4.70 -1.53 26.39
C TYR A 191 -3.87 -1.34 27.66
N PRO A 192 -2.65 -1.90 27.73
CA PRO A 192 -1.75 -1.64 28.85
C PRO A 192 -1.35 -0.17 28.94
N ASP A 193 -0.80 0.27 30.07
CA ASP A 193 -0.47 1.68 30.27
C ASP A 193 0.28 2.36 29.12
N LYS A 194 1.26 1.66 28.58
CA LYS A 194 2.19 2.22 27.61
C LYS A 194 1.46 2.47 26.29
N GLU A 195 0.71 1.47 25.82
CA GLU A 195 -0.01 1.57 24.59
C GLU A 195 -1.18 2.57 24.72
N ALA A 196 -1.81 2.60 25.88
CA ALA A 196 -2.85 3.57 26.16
C ALA A 196 -2.34 5.01 26.12
N ALA A 197 -1.17 5.29 26.71
CA ALA A 197 -0.67 6.65 26.66
C ALA A 197 -0.32 7.03 25.20
N GLN A 198 0.17 6.08 24.41
CA GLN A 198 0.41 6.33 22.98
C GLN A 198 -0.85 6.62 22.20
N LEU A 199 -1.92 5.84 22.46
CA LEU A 199 -3.21 6.06 21.80
C LEU A 199 -3.81 7.41 22.17
N GLN A 200 -3.69 7.76 23.43
CA GLN A 200 -4.08 9.08 23.87
C GLN A 200 -3.33 10.23 23.15
N GLU A 201 -2.03 10.06 22.93
CA GLU A 201 -1.25 11.04 22.17
C GLU A 201 -1.69 11.06 20.69
N LEU A 202 -2.00 9.91 20.10
CA LEU A 202 -2.47 9.88 18.73
C LEU A 202 -3.74 10.70 18.62
N VAL A 203 -4.64 10.52 19.57
CA VAL A 203 -5.90 11.19 19.55
C VAL A 203 -5.71 12.71 19.64
N ALA A 204 -4.88 13.18 20.55
CA ALA A 204 -4.63 14.61 20.63
C ALA A 204 -4.11 15.13 19.28
N VAL A 205 -3.12 14.48 18.70
CA VAL A 205 -2.52 14.93 17.43
C VAL A 205 -3.56 14.86 16.29
N ALA A 206 -4.40 13.82 16.26
CA ALA A 206 -5.45 13.74 15.26
C ALA A 206 -6.42 14.94 15.39
N ASN A 207 -6.81 15.29 16.62
CA ASN A 207 -7.69 16.44 16.85
C ASN A 207 -7.05 17.71 16.39
N GLU A 208 -5.75 17.90 16.65
CA GLU A 208 -5.05 19.12 16.20
C GLU A 208 -4.89 19.24 14.68
N ASN A 209 -5.08 18.16 13.95
CA ASN A 209 -4.97 18.15 12.49
C ASN A 209 -6.30 17.88 11.85
N GLU A 210 -7.37 18.00 12.64
CA GLU A 210 -8.74 17.86 12.17
C GLU A 210 -9.04 16.49 11.56
N VAL A 211 -8.42 15.45 12.12
CA VAL A 211 -8.72 14.06 11.77
C VAL A 211 -9.56 13.38 12.85
N ASP A 212 -10.63 12.70 12.44
CA ASP A 212 -11.36 11.75 13.28
C ASP A 212 -10.55 10.47 13.41
N PHE A 213 -10.09 10.20 14.63
CA PHE A 213 -9.52 8.93 15.02
C PHE A 213 -10.67 7.99 15.26
N VAL A 214 -10.85 7.03 14.35
CA VAL A 214 -11.87 5.97 14.50
C VAL A 214 -11.16 4.72 15.03
N TRP A 215 -11.46 4.31 16.27
CA TRP A 215 -10.89 3.08 16.82
C TRP A 215 -11.84 1.94 16.49
N ALA A 216 -11.34 0.93 15.80
CA ALA A 216 -12.11 -0.26 15.42
C ALA A 216 -11.80 -1.42 16.36
N ILE A 217 -12.72 -2.38 16.42
CA ILE A 217 -12.58 -3.60 17.19
C ILE A 217 -13.03 -4.73 16.27
N HIS A 218 -12.35 -5.87 16.39
CA HIS A 218 -12.51 -7.02 15.50
C HIS A 218 -12.77 -8.23 16.36
N PRO A 219 -14.01 -8.35 16.88
CA PRO A 219 -14.28 -9.32 17.96
C PRO A 219 -14.87 -10.63 17.44
N GLY A 220 -15.05 -10.74 16.14
CA GLY A 220 -15.97 -11.77 15.62
C GLY A 220 -15.57 -13.23 15.60
N GLN A 221 -14.28 -13.55 15.71
CA GLN A 221 -13.85 -14.94 15.66
C GLN A 221 -14.29 -15.77 16.89
N ASP A 222 -14.38 -15.15 18.07
CA ASP A 222 -14.82 -15.88 19.27
C ASP A 222 -15.91 -15.15 20.10
N ILE A 223 -16.61 -14.23 19.45
CA ILE A 223 -17.71 -13.50 20.10
C ILE A 223 -18.84 -14.50 20.40
N LYS A 224 -19.40 -14.39 21.60
CA LYS A 224 -20.62 -15.11 21.96
C LYS A 224 -21.75 -14.10 21.95
N TRP A 225 -22.88 -14.50 21.38
CA TRP A 225 -24.06 -13.64 21.32
C TRP A 225 -24.84 -13.73 22.65
N ASN A 226 -24.23 -13.18 23.69
CA ASN A 226 -24.77 -13.17 25.04
C ASN A 226 -24.50 -11.80 25.70
N LYS A 227 -25.09 -11.63 26.87
CA LYS A 227 -24.97 -10.41 27.66
C LYS A 227 -23.53 -10.13 28.03
N GLU A 228 -22.78 -11.15 28.40
CA GLU A 228 -21.42 -10.92 28.88
C GLU A 228 -20.48 -10.24 27.83
N ASP A 229 -20.46 -10.74 26.60
CA ASP A 229 -19.55 -10.22 25.55
C ASP A 229 -20.07 -8.85 25.06
N ARG A 230 -21.38 -8.70 24.92
CA ARG A 230 -21.98 -7.38 24.61
C ARG A 230 -21.46 -6.33 25.58
N ASP A 231 -21.56 -6.61 26.88
CA ASP A 231 -21.13 -5.67 27.91
C ASP A 231 -19.64 -5.44 27.89
N LEU A 232 -18.84 -6.48 27.64
CA LEU A 232 -17.39 -6.28 27.61
C LEU A 232 -16.96 -5.40 26.39
N LEU A 233 -17.62 -5.63 25.26
CA LEU A 233 -17.42 -4.76 24.10
C LEU A 233 -17.73 -3.28 24.42
N LEU A 234 -18.89 -3.02 25.02
CA LEU A 234 -19.18 -1.63 25.48
C LEU A 234 -18.18 -1.07 26.49
N ALA A 235 -17.73 -1.92 27.41
CA ALA A 235 -16.76 -1.48 28.40
C ALA A 235 -15.43 -1.15 27.73
N LYS A 236 -15.04 -1.90 26.73
CA LYS A 236 -13.82 -1.57 25.96
C LYS A 236 -14.01 -0.23 25.24
N PHE A 237 -15.12 -0.10 24.55
CA PHE A 237 -15.47 1.20 23.97
C PHE A 237 -15.42 2.36 24.95
N GLU A 238 -15.96 2.13 26.17
CA GLU A 238 -15.92 3.11 27.20
C GLU A 238 -14.52 3.48 27.62
N LYS A 239 -13.63 2.48 27.78
CA LYS A 239 -12.22 2.76 28.06
C LYS A 239 -11.54 3.54 26.94
N MET A 240 -11.82 3.19 25.68
CA MET A 240 -11.34 4.02 24.55
C MET A 240 -11.91 5.42 24.55
N TYR A 241 -13.19 5.55 24.93
CA TYR A 241 -13.74 6.93 25.10
C TYR A 241 -12.92 7.72 26.13
N GLN A 242 -12.50 7.06 27.23
CA GLN A 242 -11.68 7.76 28.24
C GLN A 242 -10.35 8.27 27.73
N LEU A 243 -9.79 7.61 26.72
CA LEU A 243 -8.53 8.01 26.10
C LEU A 243 -8.70 9.11 25.05
N GLY A 244 -9.95 9.54 24.80
CA GLY A 244 -10.19 10.64 23.89
C GLY A 244 -10.87 10.22 22.60
N VAL A 245 -11.10 8.92 22.37
CA VAL A 245 -11.65 8.46 21.08
C VAL A 245 -13.10 8.91 20.95
N ARG A 246 -13.45 9.54 19.82
CA ARG A 246 -14.84 9.95 19.57
C ARG A 246 -15.53 9.30 18.37
N SER A 247 -14.85 8.38 17.68
CA SER A 247 -15.45 7.61 16.59
C SER A 247 -15.05 6.14 16.75
N PHE A 248 -15.94 5.22 16.33
CA PHE A 248 -15.81 3.80 16.62
C PHE A 248 -16.28 2.95 15.47
N ALA A 249 -15.69 1.76 15.35
CA ALA A 249 -16.07 0.80 14.34
C ALA A 249 -16.02 -0.61 14.88
N VAL A 250 -16.78 -1.49 14.26
CA VAL A 250 -16.79 -2.91 14.59
C VAL A 250 -16.66 -3.62 13.28
N PHE A 251 -15.62 -4.45 13.18
CA PHE A 251 -15.29 -5.14 11.94
C PHE A 251 -15.64 -6.62 12.11
N PHE A 252 -16.39 -7.19 11.14
CA PHE A 252 -16.67 -8.63 11.06
C PHE A 252 -16.06 -9.30 9.81
N ASP A 253 -14.87 -8.84 9.39
CA ASP A 253 -14.20 -9.35 8.16
C ASP A 253 -13.23 -10.52 8.47
N ASP A 254 -13.16 -11.48 7.54
CA ASP A 254 -12.22 -12.61 7.60
C ASP A 254 -12.40 -13.43 8.88
N ILE A 255 -13.63 -13.85 9.15
CA ILE A 255 -13.95 -14.70 10.29
C ILE A 255 -14.92 -15.79 9.84
N SER A 256 -15.07 -16.82 10.66
CA SER A 256 -16.01 -17.91 10.43
C SER A 256 -16.76 -18.21 11.72
N GLY A 257 -17.87 -18.93 11.58
CA GLY A 257 -18.69 -19.35 12.72
C GLY A 257 -19.79 -18.36 13.03
N GLU A 258 -20.14 -18.30 14.31
CA GLU A 258 -21.29 -17.57 14.81
C GLU A 258 -21.22 -16.05 14.63
N GLY A 259 -20.02 -15.49 14.67
CA GLY A 259 -19.82 -14.08 14.40
C GLY A 259 -20.31 -13.57 13.05
N THR A 260 -20.48 -14.46 12.07
CA THR A 260 -20.92 -14.09 10.72
C THR A 260 -22.42 -13.85 10.57
N ASN A 261 -23.19 -14.04 11.65
CA ASN A 261 -24.65 -13.90 11.62
C ASN A 261 -25.09 -12.45 11.44
N PRO A 262 -25.77 -12.15 10.33
CA PRO A 262 -26.07 -10.75 10.05
C PRO A 262 -27.10 -10.09 10.97
N GLN A 263 -28.08 -10.83 11.45
CA GLN A 263 -29.04 -10.30 12.45
C GLN A 263 -28.36 -9.85 13.74
N LYS A 264 -27.45 -10.69 14.21
CA LYS A 264 -26.76 -10.42 15.46
C LYS A 264 -25.81 -9.26 15.30
N GLN A 265 -25.12 -9.18 14.16
CA GLN A 265 -24.25 -8.06 13.87
C GLN A 265 -25.02 -6.75 13.91
N ALA A 266 -26.16 -6.71 13.22
CA ALA A 266 -26.97 -5.48 13.14
C ALA A 266 -27.46 -5.08 14.51
N GLU A 267 -27.88 -6.09 15.28
CA GLU A 267 -28.42 -5.85 16.64
C GLU A 267 -27.38 -5.31 17.57
N LEU A 268 -26.17 -5.86 17.51
CA LEU A 268 -25.06 -5.34 18.29
C LEU A 268 -24.75 -3.87 17.91
N LEU A 269 -24.62 -3.61 16.61
CA LEU A 269 -24.36 -2.24 16.16
C LEU A 269 -25.45 -1.25 16.59
N ASN A 270 -26.69 -1.67 16.42
CA ASN A 270 -27.85 -0.89 16.89
C ASN A 270 -27.86 -0.68 18.40
N TYR A 271 -27.36 -1.65 19.15
CA TYR A 271 -27.31 -1.50 20.60
C TYR A 271 -26.26 -0.48 21.00
N ILE A 272 -25.13 -0.53 20.31
CA ILE A 272 -24.04 0.41 20.55
C ILE A 272 -24.48 1.81 20.21
N ASP A 273 -25.23 1.96 19.13
CA ASP A 273 -25.79 3.26 18.75
C ASP A 273 -26.67 3.80 19.88
N GLU A 274 -27.68 3.05 20.25
CA GLU A 274 -28.71 3.53 21.19
C GLU A 274 -28.17 3.73 22.61
N LYS A 275 -27.29 2.85 23.03
CA LYS A 275 -26.86 2.82 24.40
C LYS A 275 -25.52 3.57 24.62
N PHE A 276 -24.83 3.99 23.56
CA PHE A 276 -23.48 4.60 23.70
C PHE A 276 -23.32 5.80 22.77
N ALA A 277 -23.43 5.61 21.46
CA ALA A 277 -23.33 6.73 20.54
C ALA A 277 -24.43 7.80 20.73
N GLN A 278 -25.63 7.40 21.15
CA GLN A 278 -26.74 8.34 21.40
C GLN A 278 -26.79 8.89 22.83
N VAL A 279 -25.96 8.37 23.74
CA VAL A 279 -25.90 8.85 25.15
C VAL A 279 -24.74 9.81 25.40
N LYS A 280 -23.69 9.74 24.60
CA LYS A 280 -22.54 10.64 24.72
C LYS A 280 -22.85 11.93 23.99
N PRO A 281 -22.26 13.03 24.43
CA PRO A 281 -22.56 14.29 23.74
C PRO A 281 -21.88 14.51 22.39
N ASP A 282 -20.93 13.63 22.01
CA ASP A 282 -19.93 14.03 21.04
C ASP A 282 -19.29 12.92 20.22
N ILE A 283 -20.06 11.90 19.89
CA ILE A 283 -19.58 10.83 19.02
C ILE A 283 -19.87 11.20 17.55
N ASN A 284 -18.90 10.98 16.66
CA ASN A 284 -19.02 11.33 15.22
C ASN A 284 -19.32 10.10 14.41
N GLN A 285 -18.33 9.31 13.98
CA GLN A 285 -18.63 8.18 13.10
C GLN A 285 -18.92 6.94 13.90
N LEU A 286 -19.79 6.12 13.36
CA LEU A 286 -20.02 4.77 13.83
C LEU A 286 -20.12 3.89 12.60
N VAL A 287 -19.23 2.91 12.46
CA VAL A 287 -19.00 2.25 11.17
C VAL A 287 -18.93 0.77 11.40
N MET A 288 -19.49 -0.05 10.52
CA MET A 288 -19.21 -1.50 10.56
C MET A 288 -18.62 -2.01 9.25
N CYS A 289 -17.83 -3.07 9.33
CA CYS A 289 -17.47 -3.79 8.11
C CYS A 289 -18.09 -5.17 8.11
N PRO A 290 -18.65 -5.56 6.98
CA PRO A 290 -19.40 -6.80 6.96
C PRO A 290 -18.48 -7.98 6.70
N THR A 291 -19.02 -9.17 6.85
CA THR A 291 -18.33 -10.41 6.59
C THR A 291 -18.24 -10.68 5.09
N GLU A 292 -19.35 -10.41 4.40
CA GLU A 292 -19.40 -10.44 2.95
C GLU A 292 -19.19 -8.99 2.51
N TYR A 293 -17.94 -8.66 2.24
CA TYR A 293 -17.50 -7.30 1.99
C TYR A 293 -17.14 -7.00 0.54
N ASN A 294 -17.36 -7.98 -0.35
CA ASN A 294 -17.24 -7.78 -1.78
C ASN A 294 -18.24 -8.67 -2.54
N LYS A 295 -18.52 -8.28 -3.77
CA LYS A 295 -19.57 -8.96 -4.56
C LYS A 295 -19.30 -10.45 -4.81
N SER A 296 -18.12 -10.78 -5.33
CA SER A 296 -17.78 -12.19 -5.60
C SER A 296 -17.81 -13.07 -4.36
N TRP A 297 -17.68 -12.49 -3.18
CA TRP A 297 -17.79 -13.25 -1.94
C TRP A 297 -19.20 -13.25 -1.35
N SER A 298 -20.14 -12.45 -1.84
CA SER A 298 -21.49 -12.52 -1.27
C SER A 298 -22.26 -13.71 -1.85
N ASN A 299 -22.88 -14.47 -0.96
CA ASN A 299 -23.75 -15.56 -1.33
C ASN A 299 -24.93 -15.06 -2.18
N PRO A 300 -25.10 -15.60 -3.41
CA PRO A 300 -26.31 -15.26 -4.22
C PRO A 300 -27.63 -15.78 -3.61
N ASN A 301 -27.60 -17.02 -3.11
CA ASN A 301 -28.73 -17.68 -2.38
C ASN A 301 -28.76 -17.24 -0.92
N GLY A 302 -28.73 -15.94 -0.71
CA GLY A 302 -28.37 -15.44 0.60
C GLY A 302 -28.93 -14.08 0.74
N ASN A 303 -29.15 -13.75 2.00
CA ASN A 303 -29.82 -12.54 2.42
C ASN A 303 -28.94 -11.74 3.39
N TYR A 304 -27.64 -12.05 3.39
CA TYR A 304 -26.74 -11.46 4.33
C TYR A 304 -26.79 -9.95 4.17
N LEU A 305 -26.62 -9.46 2.96
CA LEU A 305 -26.48 -8.03 2.77
C LEU A 305 -27.81 -7.29 2.90
N THR A 306 -28.90 -7.90 2.42
CA THR A 306 -30.21 -7.28 2.58
C THR A 306 -30.63 -7.27 4.04
N THR A 307 -30.25 -8.29 4.81
CA THR A 307 -30.53 -8.30 6.23
C THR A 307 -29.82 -7.13 6.94
N LEU A 308 -28.52 -6.94 6.65
CA LEU A 308 -27.81 -5.81 7.23
C LEU A 308 -28.48 -4.52 6.81
N GLY A 309 -28.75 -4.41 5.51
CA GLY A 309 -29.37 -3.23 4.92
C GLY A 309 -30.68 -2.79 5.56
N ASP A 310 -31.52 -3.77 5.83
CA ASP A 310 -32.82 -3.55 6.45
C ASP A 310 -32.71 -3.29 7.95
N LYS A 311 -31.91 -4.08 8.67
CA LYS A 311 -31.87 -3.99 10.14
C LYS A 311 -30.93 -2.91 10.70
N LEU A 312 -29.83 -2.62 10.03
CA LEU A 312 -28.87 -1.66 10.60
C LEU A 312 -29.41 -0.22 10.62
N ASN A 313 -29.37 0.44 11.78
CA ASN A 313 -29.85 1.82 11.87
C ASN A 313 -29.23 2.65 10.72
N PRO A 314 -30.02 3.58 10.14
CA PRO A 314 -29.61 4.32 8.93
C PRO A 314 -28.35 5.24 9.07
N SER A 315 -28.05 5.70 10.28
CA SER A 315 -26.84 6.49 10.50
C SER A 315 -25.54 5.63 10.59
N ILE A 316 -25.66 4.30 10.57
CA ILE A 316 -24.46 3.45 10.72
C ILE A 316 -23.88 3.16 9.33
N GLN A 317 -22.59 3.36 9.15
CA GLN A 317 -21.97 3.12 7.82
C GLN A 317 -21.66 1.66 7.63
N ILE A 318 -21.61 1.26 6.37
CA ILE A 318 -21.24 -0.11 6.00
C ILE A 318 -20.13 -0.03 4.95
N MET A 319 -19.05 -0.76 5.23
CA MET A 319 -17.86 -0.78 4.39
C MET A 319 -17.95 -1.83 3.31
N TRP A 320 -17.17 -1.59 2.26
CA TRP A 320 -17.27 -2.37 1.03
C TRP A 320 -16.01 -2.20 0.21
N THR A 321 -15.45 -3.31 -0.32
CA THR A 321 -14.20 -3.27 -1.12
C THR A 321 -14.36 -3.25 -2.65
N GLY A 322 -15.58 -3.50 -3.14
CA GLY A 322 -15.90 -3.48 -4.58
C GLY A 322 -16.42 -4.85 -5.03
N ASP A 323 -16.18 -5.16 -6.28
CA ASP A 323 -16.67 -6.42 -6.89
C ASP A 323 -15.83 -7.62 -6.49
N ARG A 324 -14.60 -7.38 -6.02
CA ARG A 324 -13.72 -8.41 -5.50
C ARG A 324 -12.97 -7.88 -4.27
N VAL A 325 -12.20 -8.75 -3.61
CA VAL A 325 -11.45 -8.38 -2.42
C VAL A 325 -10.57 -7.20 -2.77
N ILE A 326 -9.86 -7.33 -3.89
CA ILE A 326 -9.04 -6.24 -4.40
C ILE A 326 -9.68 -5.78 -5.71
N SER A 327 -10.18 -4.54 -5.75
CA SER A 327 -10.81 -4.04 -6.96
C SER A 327 -10.97 -2.56 -6.95
N ASP A 328 -11.23 -2.05 -8.15
CA ASP A 328 -11.43 -0.64 -8.34
C ASP A 328 -12.92 -0.40 -8.42
N ILE A 329 -13.34 0.78 -8.01
CA ILE A 329 -14.78 1.06 -7.78
C ILE A 329 -15.45 1.64 -9.04
N THR A 330 -16.46 0.92 -9.55
CA THR A 330 -17.21 1.30 -10.76
C THR A 330 -18.62 1.84 -10.43
N ARG A 331 -19.24 2.52 -11.39
CA ARG A 331 -20.65 2.92 -11.27
C ARG A 331 -21.59 1.74 -11.07
N ASP A 332 -21.40 0.66 -11.84
CA ASP A 332 -22.28 -0.52 -11.70
C ASP A 332 -22.06 -1.26 -10.41
N GLY A 333 -20.81 -1.25 -9.93
CA GLY A 333 -20.48 -1.94 -8.70
C GLY A 333 -21.05 -1.29 -7.48
N ILE A 334 -20.95 0.04 -7.42
CA ILE A 334 -21.48 0.84 -6.30
C ILE A 334 -23.01 0.83 -6.32
N SER A 335 -23.62 0.91 -7.50
CA SER A 335 -25.09 0.76 -7.62
C SER A 335 -25.57 -0.58 -7.08
N TRP A 336 -24.83 -1.64 -7.42
CA TRP A 336 -25.12 -2.99 -6.99
C TRP A 336 -25.18 -3.12 -5.46
N ILE A 337 -24.16 -2.63 -4.78
CA ILE A 337 -24.16 -2.70 -3.30
C ILE A 337 -25.15 -1.70 -2.67
N ASN A 338 -25.23 -0.47 -3.17
CA ASN A 338 -26.18 0.51 -2.57
C ASN A 338 -27.64 0.05 -2.56
N GLU A 339 -28.10 -0.63 -3.61
CA GLU A 339 -29.47 -1.21 -3.63
C GLU A 339 -29.72 -2.19 -2.50
N ARG A 340 -28.70 -2.93 -2.09
CA ARG A 340 -28.85 -3.96 -1.06
C ARG A 340 -28.74 -3.45 0.37
N ILE A 341 -27.75 -2.60 0.64
CA ILE A 341 -27.52 -2.08 1.99
C ILE A 341 -28.33 -0.80 2.28
N LYS A 342 -28.97 -0.24 1.25
CA LYS A 342 -29.96 0.83 1.39
C LYS A 342 -29.33 2.15 1.80
N ARG A 343 -28.07 2.33 1.44
CA ARG A 343 -27.37 3.55 1.81
C ARG A 343 -26.13 3.63 0.93
N PRO A 344 -25.48 4.80 0.88
CA PRO A 344 -24.25 4.87 0.11
C PRO A 344 -23.10 4.14 0.82
N ALA A 345 -22.44 3.25 0.10
CA ALA A 345 -21.37 2.40 0.68
C ALA A 345 -20.20 3.28 1.10
N TYR A 346 -19.49 2.85 2.15
CA TYR A 346 -18.27 3.51 2.69
C TYR A 346 -17.10 2.66 2.17
N ILE A 347 -16.37 3.13 1.18
CA ILE A 347 -15.42 2.25 0.46
C ILE A 347 -14.14 2.03 1.25
N TRP A 348 -13.75 0.77 1.31
CA TRP A 348 -12.44 0.32 1.86
C TRP A 348 -11.70 -0.15 0.60
N TRP A 349 -10.78 0.67 0.15
CA TRP A 349 -10.11 0.38 -1.13
C TRP A 349 -8.77 -0.31 -0.88
N ASN A 350 -8.64 -1.53 -1.37
CA ASN A 350 -7.42 -2.30 -1.09
C ASN A 350 -6.23 -2.02 -2.04
N PHE A 351 -5.69 -0.79 -1.91
CA PHE A 351 -4.48 -0.37 -2.53
C PHE A 351 -3.98 0.82 -1.75
N PRO A 352 -2.70 0.90 -1.43
CA PRO A 352 -1.60 0.06 -1.92
C PRO A 352 -1.25 -1.15 -1.03
N VAL A 353 -2.19 -1.59 -0.18
CA VAL A 353 -1.96 -2.75 0.68
C VAL A 353 -1.25 -3.88 -0.08
N SER A 354 -0.19 -4.39 0.54
CA SER A 354 0.70 -5.42 -0.04
C SER A 354 0.86 -6.63 0.87
N ASP A 355 -0.04 -6.81 1.83
CA ASP A 355 0.04 -7.90 2.82
C ASP A 355 -0.11 -9.33 2.22
N TYR A 356 -0.41 -9.42 0.91
CA TYR A 356 -0.50 -10.68 0.19
C TYR A 356 0.57 -10.77 -0.95
N VAL A 357 1.43 -9.75 -1.08
CA VAL A 357 2.53 -9.73 -2.04
C VAL A 357 3.63 -8.91 -1.34
N ARG A 358 4.00 -9.40 -0.15
CA ARG A 358 4.90 -8.69 0.76
C ARG A 358 6.33 -8.48 0.30
N ASP A 359 6.74 -9.26 -0.69
CA ASP A 359 8.00 -9.04 -1.41
C ASP A 359 7.99 -7.91 -2.47
N HIS A 360 6.86 -7.20 -2.66
CA HIS A 360 6.76 -6.06 -3.59
C HIS A 360 6.43 -4.83 -2.84
N LEU A 361 6.99 -3.73 -3.31
CA LEU A 361 6.48 -2.41 -3.00
C LEU A 361 5.52 -1.93 -4.09
N LEU A 362 4.45 -1.24 -3.70
CA LEU A 362 3.49 -0.68 -4.69
C LEU A 362 3.49 0.85 -4.64
N LEU A 363 4.38 1.45 -5.44
CA LEU A 363 4.65 2.85 -5.39
C LEU A 363 4.07 3.59 -6.62
N GLY A 364 3.19 2.90 -7.37
CA GLY A 364 2.64 3.46 -8.60
C GLY A 364 1.50 4.43 -8.32
N PRO A 365 0.94 5.00 -9.39
CA PRO A 365 -0.21 5.94 -9.22
C PRO A 365 -1.50 5.24 -8.79
N VAL A 366 -2.45 6.07 -8.38
CA VAL A 366 -3.74 5.67 -7.92
C VAL A 366 -4.67 5.88 -9.08
N TYR A 367 -5.32 4.83 -9.54
CA TYR A 367 -6.18 4.93 -10.71
C TYR A 367 -7.15 3.75 -10.71
N GLY A 368 -8.16 3.84 -11.59
CA GLY A 368 -9.17 2.79 -11.80
C GLY A 368 -10.54 3.12 -11.21
N ASN A 369 -10.64 4.12 -10.36
CA ASN A 369 -11.88 4.39 -9.66
C ASN A 369 -12.65 5.43 -10.44
N ASP A 370 -13.93 5.15 -10.70
CA ASP A 370 -14.83 6.07 -11.41
C ASP A 370 -14.87 7.42 -10.73
N THR A 371 -14.76 8.49 -11.51
CA THR A 371 -14.67 9.84 -10.95
C THR A 371 -15.97 10.59 -10.97
N THR A 372 -17.08 9.92 -11.28
CA THR A 372 -18.41 10.58 -11.34
C THR A 372 -19.38 10.12 -10.24
N ILE A 373 -18.91 9.28 -9.30
CA ILE A 373 -19.79 8.59 -8.34
C ILE A 373 -19.69 9.12 -6.92
N ALA A 374 -19.16 10.33 -6.72
CA ALA A 374 -19.03 10.91 -5.40
C ALA A 374 -20.33 10.85 -4.53
N LYS A 375 -21.48 11.15 -5.13
CA LYS A 375 -22.77 11.08 -4.44
C LYS A 375 -23.22 9.66 -4.04
N GLU A 376 -22.61 8.64 -4.64
CA GLU A 376 -22.93 7.25 -4.35
C GLU A 376 -22.07 6.62 -3.23
N MET A 377 -21.10 7.36 -2.67
CA MET A 377 -20.28 6.87 -1.54
C MET A 377 -20.29 7.81 -0.33
N SER A 378 -20.48 7.21 0.84
CA SER A 378 -20.41 7.93 2.12
C SER A 378 -18.98 8.30 2.50
N GLY A 379 -18.06 7.41 2.15
CA GLY A 379 -16.66 7.61 2.50
C GLY A 379 -15.76 6.81 1.59
N PHE A 380 -14.47 7.17 1.61
CA PHE A 380 -13.50 6.45 0.81
C PHE A 380 -12.20 6.45 1.58
N VAL A 381 -11.73 5.25 1.94
CA VAL A 381 -10.48 5.08 2.61
C VAL A 381 -9.64 4.02 1.91
N THR A 382 -8.33 4.27 1.97
CA THR A 382 -7.31 3.38 1.45
C THR A 382 -6.70 2.53 2.60
N ASN A 383 -6.61 1.21 2.37
CA ASN A 383 -5.82 0.27 3.16
C ASN A 383 -4.40 0.26 2.58
N PRO A 384 -3.41 0.74 3.35
CA PRO A 384 -2.09 0.96 2.81
C PRO A 384 -1.09 -0.24 3.04
N MET A 385 0.19 -0.06 2.66
CA MET A 385 1.21 -1.09 2.92
C MET A 385 1.63 -0.95 4.40
N GLU A 386 2.26 -1.99 4.93
CA GLU A 386 2.93 -1.85 6.22
C GLU A 386 4.10 -0.81 6.22
N HIS A 387 4.57 -0.39 5.03
CA HIS A 387 5.60 0.66 4.88
C HIS A 387 4.87 2.02 4.85
N ALA A 388 4.85 2.71 5.99
CA ALA A 388 4.02 3.88 6.20
C ALA A 388 4.39 5.06 5.29
N GLU A 389 5.67 5.45 5.28
CA GLU A 389 6.10 6.56 4.46
C GLU A 389 5.92 6.27 2.97
N SER A 390 6.18 5.02 2.59
CA SER A 390 6.00 4.61 1.20
C SER A 390 4.56 4.74 0.69
N SER A 391 3.62 4.54 1.61
CA SER A 391 2.17 4.61 1.30
C SER A 391 1.68 6.02 1.08
N LYS A 392 2.49 7.03 1.44
CA LYS A 392 2.13 8.40 1.29
C LYS A 392 1.91 8.81 -0.15
N ILE A 393 2.57 8.16 -1.12
CA ILE A 393 2.34 8.41 -2.53
C ILE A 393 0.87 8.12 -2.88
N ALA A 394 0.41 6.94 -2.54
CA ALA A 394 -1.02 6.60 -2.77
C ALA A 394 -1.97 7.45 -1.90
N ILE A 395 -1.60 7.65 -0.63
CA ILE A 395 -2.49 8.33 0.30
C ILE A 395 -2.73 9.77 -0.15
N TYR A 396 -1.67 10.46 -0.55
CA TYR A 396 -1.82 11.80 -1.12
C TYR A 396 -2.78 11.78 -2.32
N SER A 397 -2.65 10.76 -3.14
CA SER A 397 -3.46 10.62 -4.36
C SER A 397 -4.92 10.37 -4.06
N VAL A 398 -5.15 9.53 -3.06
CA VAL A 398 -6.53 9.25 -2.61
C VAL A 398 -7.22 10.53 -2.01
N ALA A 399 -6.47 11.32 -1.24
CA ALA A 399 -6.91 12.57 -0.73
C ALA A 399 -7.36 13.54 -1.83
N SER A 400 -6.55 13.67 -2.88
CA SER A 400 -6.90 14.43 -4.07
C SER A 400 -8.17 13.83 -4.76
N TYR A 401 -8.16 12.52 -4.99
CA TYR A 401 -9.35 11.85 -5.61
C TYR A 401 -10.63 12.17 -4.85
N ALA A 402 -10.65 11.93 -3.54
CA ALA A 402 -11.86 11.90 -2.78
C ALA A 402 -12.36 13.31 -2.46
N TRP A 403 -11.47 14.32 -2.42
CA TRP A 403 -11.89 15.67 -2.22
C TRP A 403 -12.51 16.22 -3.51
N ASN A 404 -11.87 15.98 -4.65
CA ASN A 404 -12.34 16.53 -5.93
C ASN A 404 -12.21 15.56 -7.07
N PRO A 405 -13.05 14.51 -7.09
CA PRO A 405 -12.88 13.45 -8.11
C PRO A 405 -13.05 13.91 -9.55
N ALA A 406 -13.96 14.87 -9.80
CA ALA A 406 -14.18 15.35 -11.16
C ALA A 406 -12.92 15.95 -11.78
N LYS A 407 -12.06 16.55 -10.97
CA LYS A 407 -10.83 17.10 -11.46
C LYS A 407 -9.64 16.15 -11.18
N TYR A 408 -9.89 14.86 -10.92
CA TYR A 408 -8.79 13.94 -10.49
C TYR A 408 -7.91 13.57 -11.68
N ASP A 409 -6.63 13.97 -11.59
CA ASP A 409 -5.56 13.70 -12.58
C ASP A 409 -4.49 12.77 -11.95
N THR A 410 -4.61 11.48 -12.26
CA THR A 410 -3.75 10.45 -11.73
CA THR A 410 -3.73 10.42 -11.73
C THR A 410 -2.28 10.78 -11.81
N TRP A 411 -1.82 11.05 -13.05
CA TRP A 411 -0.39 11.19 -13.33
C TRP A 411 0.21 12.37 -12.65
N GLN A 412 -0.45 13.51 -12.75
CA GLN A 412 0.01 14.74 -12.16
C GLN A 412 0.03 14.66 -10.62
N THR A 413 -0.93 13.96 -10.05
CA THR A 413 -1.07 13.83 -8.61
C THR A 413 0.05 12.90 -8.09
N TRP A 414 0.26 11.81 -8.79
CA TRP A 414 1.43 10.95 -8.51
C TRP A 414 2.74 11.75 -8.42
N LYS A 415 3.04 12.56 -9.42
CA LYS A 415 4.25 13.37 -9.40
C LYS A 415 4.28 14.40 -8.30
N ASP A 416 3.18 15.14 -8.10
CA ASP A 416 3.02 16.07 -6.98
C ASP A 416 3.27 15.39 -5.65
N ALA A 417 2.71 14.21 -5.45
CA ALA A 417 2.98 13.44 -4.24
C ALA A 417 4.48 13.15 -4.02
N ILE A 418 5.15 12.65 -5.04
CA ILE A 418 6.57 12.34 -4.96
C ILE A 418 7.36 13.60 -4.64
N ARG A 419 6.98 14.72 -5.25
CA ARG A 419 7.67 15.98 -5.03
C ARG A 419 7.43 16.53 -3.63
N THR A 420 6.34 16.14 -2.99
CA THR A 420 6.06 16.56 -1.62
C THR A 420 6.76 15.71 -0.60
N ILE A 421 6.72 14.42 -0.80
CA ILE A 421 7.37 13.47 0.08
C ILE A 421 8.90 13.51 0.04
N LEU A 422 9.51 13.83 -1.10
CA LEU A 422 10.99 13.84 -1.16
C LEU A 422 11.52 14.94 -2.07
N PRO A 423 11.28 16.22 -1.70
CA PRO A 423 11.72 17.35 -2.53
C PRO A 423 13.16 17.25 -3.00
N SER A 424 14.07 16.83 -2.12
CA SER A 424 15.52 16.80 -2.46
C SER A 424 15.94 15.79 -3.50
N ALA A 425 15.12 14.78 -3.78
CA ALA A 425 15.45 13.77 -4.74
C ALA A 425 14.20 13.14 -5.41
N ALA A 426 13.31 14.02 -5.84
CA ALA A 426 12.04 13.63 -6.39
C ALA A 426 12.16 12.88 -7.70
N GLU A 427 13.06 13.34 -8.57
CA GLU A 427 13.31 12.63 -9.83
C GLU A 427 13.83 11.19 -9.61
N GLU A 428 14.74 11.07 -8.66
CA GLU A 428 15.28 9.74 -8.32
C GLU A 428 14.20 8.84 -7.72
N LEU A 429 13.31 9.43 -6.90
CA LEU A 429 12.25 8.64 -6.30
C LEU A 429 11.23 8.18 -7.36
N GLU A 430 10.85 9.10 -8.23
CA GLU A 430 10.02 8.80 -9.40
C GLU A 430 10.62 7.70 -10.29
N SER A 431 11.90 7.85 -10.58
CA SER A 431 12.62 6.80 -11.31
C SER A 431 12.58 5.42 -10.64
N PHE A 432 12.62 5.37 -9.31
CA PHE A 432 12.50 4.09 -8.59
C PHE A 432 11.06 3.57 -8.60
N ALA A 433 10.12 4.48 -8.34
CA ALA A 433 8.72 4.09 -8.28
C ALA A 433 8.13 3.62 -9.61
N MET A 434 8.57 4.22 -10.74
CA MET A 434 8.07 3.80 -12.06
CA MET A 434 8.20 3.81 -12.12
C MET A 434 8.27 2.30 -12.29
N HIS A 435 9.32 1.71 -11.72
CA HIS A 435 9.60 0.28 -11.87
C HIS A 435 9.26 -0.57 -10.62
N ASN A 436 8.41 -0.05 -9.76
CA ASN A 436 8.05 -0.71 -8.49
C ASN A 436 6.63 -0.42 -8.23
N SER A 437 5.80 -0.97 -9.12
CA SER A 437 4.38 -0.65 -9.20
C SER A 437 3.51 -1.85 -9.27
N ASP A 438 3.96 -2.88 -9.99
CA ASP A 438 3.15 -4.08 -10.20
C ASP A 438 3.25 -5.04 -9.00
N LEU A 439 2.27 -5.93 -8.85
CA LEU A 439 2.22 -6.85 -7.75
C LEU A 439 2.82 -8.21 -8.05
N GLY A 440 3.17 -8.44 -9.30
CA GLY A 440 3.41 -9.82 -9.75
C GLY A 440 2.16 -10.67 -9.70
N PRO A 441 2.21 -11.94 -10.15
CA PRO A 441 1.02 -12.82 -10.09
C PRO A 441 0.62 -13.09 -8.64
N ASN A 442 -0.68 -13.15 -8.40
CA ASN A 442 -1.18 -13.33 -7.04
C ASN A 442 -2.56 -13.96 -7.07
N GLY A 443 -2.98 -14.50 -5.95
CA GLY A 443 -4.28 -15.16 -5.86
C GLY A 443 -5.48 -14.25 -6.07
N HIS A 444 -5.32 -12.93 -5.92
CA HIS A 444 -6.44 -12.00 -6.14
C HIS A 444 -6.52 -11.50 -7.55
N GLY A 445 -5.58 -11.91 -8.41
CA GLY A 445 -5.64 -11.50 -9.80
C GLY A 445 -5.46 -10.01 -10.03
N TYR A 446 -4.90 -9.27 -9.09
CA TYR A 446 -4.90 -7.81 -9.22
C TYR A 446 -3.52 -7.32 -9.62
N ARG A 447 -3.48 -6.54 -10.69
CA ARG A 447 -2.24 -6.11 -11.26
C ARG A 447 -2.26 -4.64 -11.50
N ARG A 448 -1.07 -4.08 -11.63
CA ARG A 448 -0.89 -2.65 -11.92
C ARG A 448 0.17 -2.52 -13.02
N GLU A 449 0.09 -1.41 -13.76
CA GLU A 449 1.04 -1.09 -14.81
C GLU A 449 2.38 -0.77 -14.18
N GLU A 450 3.44 -1.12 -14.92
CA GLU A 450 4.84 -0.84 -14.54
C GLU A 450 5.72 -0.71 -15.78
N SER A 451 6.70 0.17 -15.70
CA SER A 451 7.74 0.33 -16.68
C SER A 451 7.21 0.60 -18.08
N MET A 452 6.14 1.40 -18.16
CA MET A 452 5.40 1.53 -19.43
CA MET A 452 5.39 1.56 -19.40
C MET A 452 6.17 2.33 -20.48
N ASP A 453 6.98 3.34 -20.06
CA ASP A 453 7.82 4.15 -20.98
C ASP A 453 8.87 3.31 -21.77
N ILE A 454 9.53 2.35 -21.11
CA ILE A 454 10.53 1.55 -21.79
C ILE A 454 9.97 0.29 -22.42
N GLN A 455 8.71 -0.04 -22.14
CA GLN A 455 8.20 -1.28 -22.65
C GLN A 455 8.27 -1.43 -24.17
N PRO A 456 7.94 -0.37 -24.93
CA PRO A 456 8.03 -0.44 -26.39
C PRO A 456 9.41 -0.84 -26.90
N ALA A 457 10.43 -0.10 -26.50
CA ALA A 457 11.79 -0.39 -26.88
C ALA A 457 12.22 -1.79 -26.42
N ALA A 458 11.82 -2.18 -25.21
CA ALA A 458 12.10 -3.50 -24.69
C ALA A 458 11.54 -4.58 -25.61
N GLU A 459 10.29 -4.45 -25.99
CA GLU A 459 9.58 -5.46 -26.81
C GLU A 459 10.20 -5.60 -28.22
N ARG A 460 10.56 -4.47 -28.83
CA ARG A 460 11.14 -4.48 -30.17
C ARG A 460 12.51 -5.13 -30.17
N PHE A 461 13.31 -4.74 -29.18
CA PHE A 461 14.67 -5.23 -29.03
C PHE A 461 14.66 -6.74 -28.92
N LEU A 462 13.73 -7.25 -28.13
CA LEU A 462 13.70 -8.66 -27.84
C LEU A 462 13.12 -9.46 -28.99
N LYS A 463 12.10 -8.91 -29.63
CA LYS A 463 11.48 -9.51 -30.81
C LYS A 463 12.53 -9.76 -31.85
N ALA A 464 13.26 -8.73 -32.23
CA ALA A 464 14.34 -8.85 -33.19
C ALA A 464 15.36 -9.91 -32.77
N PHE A 465 15.89 -9.73 -31.56
CA PHE A 465 17.07 -10.47 -31.11
C PHE A 465 16.84 -11.96 -31.08
N LYS A 466 15.67 -12.35 -30.59
CA LYS A 466 15.33 -13.76 -30.59
C LYS A 466 15.27 -14.29 -32.03
N GLU A 467 14.59 -13.57 -32.93
CA GLU A 467 14.25 -14.11 -34.26
C GLU A 467 15.42 -14.24 -35.26
N GLY A 468 16.32 -13.24 -35.32
CA GLY A 468 17.39 -13.24 -36.33
C GLY A 468 17.78 -11.89 -36.93
N LYS A 469 16.88 -10.89 -36.82
CA LYS A 469 17.13 -9.53 -37.36
C LYS A 469 17.92 -8.64 -36.44
N ASN A 470 18.50 -7.58 -37.01
CA ASN A 470 19.18 -6.55 -36.23
C ASN A 470 18.20 -5.71 -35.40
N TYR A 471 18.54 -5.54 -34.13
CA TYR A 471 17.79 -4.65 -33.24
C TYR A 471 18.13 -3.22 -33.61
N ASP A 472 17.17 -2.32 -33.44
CA ASP A 472 17.42 -0.91 -33.62
C ASP A 472 18.41 -0.39 -32.54
N LYS A 473 19.43 0.34 -32.99
CA LYS A 473 20.42 0.92 -32.09
C LYS A 473 19.88 1.94 -31.07
N ALA A 474 18.83 2.69 -31.42
CA ALA A 474 18.21 3.62 -30.47
C ALA A 474 17.56 2.84 -29.30
N ASP A 475 16.98 1.67 -29.58
CA ASP A 475 16.36 0.83 -28.59
C ASP A 475 17.39 0.33 -27.57
N PHE A 476 18.54 -0.10 -28.06
CA PHE A 476 19.65 -0.58 -27.26
C PHE A 476 20.15 0.52 -26.33
N GLU A 477 20.28 1.73 -26.87
CA GLU A 477 20.70 2.88 -26.10
C GLU A 477 19.63 3.28 -25.08
N THR A 478 18.34 3.09 -25.40
CA THR A 478 17.27 3.40 -24.47
C THR A 478 17.40 2.45 -23.27
N LEU A 479 17.72 1.18 -23.51
CA LEU A 479 17.93 0.23 -22.43
C LEU A 479 19.17 0.62 -21.61
N GLN A 480 20.25 0.96 -22.26
CA GLN A 480 21.43 1.43 -21.55
C GLN A 480 21.14 2.63 -20.71
N TYR A 481 20.49 3.64 -21.31
CA TYR A 481 20.04 4.86 -20.63
CA TYR A 481 20.21 4.85 -20.57
C TYR A 481 19.32 4.50 -19.34
N THR A 482 18.38 3.58 -19.49
CA THR A 482 17.55 3.20 -18.38
C THR A 482 18.38 2.62 -17.22
N PHE A 483 19.26 1.65 -17.51
CA PHE A 483 20.02 1.00 -16.48
C PHE A 483 20.93 2.03 -15.83
N GLU A 484 21.53 2.90 -16.60
CA GLU A 484 22.38 3.94 -15.98
C GLU A 484 21.59 4.82 -14.98
N ARG A 485 20.37 5.16 -15.36
CA ARG A 485 19.54 6.07 -14.60
C ARG A 485 19.07 5.39 -13.33
N MET A 486 18.71 4.11 -13.44
CA MET A 486 18.42 3.26 -12.30
C MET A 486 19.51 3.26 -11.23
N LYS A 487 20.77 3.16 -11.64
CA LYS A 487 21.88 3.14 -10.66
C LYS A 487 22.07 4.49 -10.00
N GLU A 488 21.93 5.56 -10.75
CA GLU A 488 21.97 6.92 -10.19
C GLU A 488 20.95 7.09 -9.08
N SER A 489 19.73 6.65 -9.35
CA SER A 489 18.61 6.82 -8.45
C SER A 489 18.82 6.00 -7.20
N ALA A 490 19.25 4.74 -7.35
CA ALA A 490 19.56 3.85 -6.22
C ALA A 490 20.57 4.44 -5.23
N ASP A 491 21.63 4.97 -5.77
CA ASP A 491 22.73 5.46 -4.96
C ASP A 491 22.37 6.75 -4.28
N ILE A 492 21.69 7.63 -5.00
CA ILE A 492 21.22 8.88 -4.43
C ILE A 492 20.18 8.64 -3.33
N LEU A 493 19.24 7.72 -3.60
CA LEU A 493 18.20 7.42 -2.64
C LEU A 493 18.76 6.89 -1.34
N LEU A 494 19.70 5.91 -1.42
CA LEU A 494 20.28 5.29 -0.25
C LEU A 494 20.94 6.28 0.68
N MET A 495 21.51 7.34 0.13
CA MET A 495 22.20 8.35 0.94
C MET A 495 21.32 9.53 1.30
N ASN A 496 20.05 9.50 0.91
CA ASN A 496 19.21 10.66 1.21
C ASN A 496 18.80 10.68 2.67
N THR A 497 19.04 11.81 3.33
CA THR A 497 18.64 12.02 4.72
C THR A 497 17.47 12.98 4.94
N GLU A 498 16.83 13.51 3.90
CA GLU A 498 15.63 14.34 4.12
C GLU A 498 14.38 13.60 4.71
N ASN A 499 14.23 12.33 4.38
CA ASN A 499 13.19 11.50 4.96
C ASN A 499 13.82 10.12 5.19
N LYS A 500 14.56 10.06 6.29
CA LYS A 500 15.21 8.83 6.72
C LYS A 500 14.22 7.68 6.87
N PRO A 501 13.02 7.94 7.44
CA PRO A 501 12.18 6.72 7.60
C PRO A 501 11.80 6.08 6.26
N LEU A 502 11.47 6.89 5.25
CA LEU A 502 11.24 6.38 3.90
C LEU A 502 12.37 5.50 3.40
N ILE A 503 13.58 6.00 3.52
CA ILE A 503 14.73 5.31 2.97
C ILE A 503 14.98 4.00 3.69
N VAL A 504 14.76 3.96 5.01
CA VAL A 504 14.90 2.74 5.76
C VAL A 504 13.91 1.68 5.24
N GLU A 505 12.68 2.09 4.97
CA GLU A 505 11.62 1.19 4.43
C GLU A 505 12.01 0.54 3.07
N ILE A 506 12.51 1.37 2.17
CA ILE A 506 12.73 0.97 0.78
C ILE A 506 14.15 0.39 0.51
N THR A 507 15.06 0.55 1.45
CA THR A 507 16.45 0.17 1.26
C THR A 507 16.72 -1.22 0.66
N PRO A 508 16.10 -2.29 1.20
CA PRO A 508 16.33 -3.63 0.62
C PRO A 508 15.98 -3.68 -0.87
N TRP A 509 14.90 -2.99 -1.26
CA TRP A 509 14.50 -2.90 -2.66
C TRP A 509 15.42 -1.98 -3.43
N VAL A 510 15.93 -0.91 -2.83
CA VAL A 510 16.92 -0.07 -3.53
C VAL A 510 18.19 -0.89 -3.88
N HIS A 511 18.64 -1.76 -2.97
CA HIS A 511 19.84 -2.62 -3.25
C HIS A 511 19.54 -3.55 -4.42
N GLN A 512 18.40 -4.21 -4.38
CA GLN A 512 18.02 -5.17 -5.40
C GLN A 512 17.85 -4.53 -6.83
N PHE A 513 17.30 -3.33 -6.85
CA PHE A 513 17.10 -2.51 -8.02
C PHE A 513 18.44 -2.09 -8.63
N LYS A 514 19.38 -1.67 -7.81
CA LYS A 514 20.74 -1.40 -8.28
C LYS A 514 21.35 -2.64 -8.93
N LEU A 515 21.19 -3.78 -8.31
CA LEU A 515 21.75 -5.00 -8.84
C LEU A 515 21.12 -5.42 -10.18
N THR A 516 19.82 -5.17 -10.30
CA THR A 516 19.08 -5.45 -11.50
C THR A 516 19.67 -4.60 -12.66
N ALA A 517 19.89 -3.32 -12.37
CA ALA A 517 20.48 -2.39 -13.29
C ALA A 517 21.88 -2.79 -13.71
N GLU A 518 22.71 -3.19 -12.74
CA GLU A 518 24.08 -3.65 -13.02
C GLU A 518 24.08 -4.92 -13.90
N MET A 519 23.22 -5.86 -13.56
CA MET A 519 23.05 -7.03 -14.37
C MET A 519 22.65 -6.65 -15.80
N GLY A 520 21.69 -5.75 -15.95
CA GLY A 520 21.20 -5.30 -17.24
C GLY A 520 22.31 -4.76 -18.11
N GLU A 521 23.15 -3.89 -17.56
CA GLU A 521 24.30 -3.36 -18.29
C GLU A 521 25.27 -4.47 -18.77
N GLU A 522 25.55 -5.46 -17.93
CA GLU A 522 26.49 -6.52 -18.25
C GLU A 522 25.93 -7.41 -19.32
N VAL A 523 24.63 -7.67 -19.22
CA VAL A 523 23.94 -8.46 -20.25
C VAL A 523 24.00 -7.76 -21.65
N LEU A 524 23.72 -6.47 -21.69
CA LEU A 524 23.90 -5.71 -22.96
C LEU A 524 25.35 -5.70 -23.50
N LYS A 525 26.34 -5.77 -22.63
CA LYS A 525 27.69 -5.92 -23.09
C LYS A 525 27.96 -7.33 -23.65
N MET A 526 27.32 -8.34 -23.09
CA MET A 526 27.31 -9.66 -23.73
C MET A 526 26.69 -9.68 -25.16
N VAL A 527 25.66 -8.88 -25.37
CA VAL A 527 25.00 -8.73 -26.66
C VAL A 527 25.92 -8.08 -27.70
N GLU A 528 26.68 -7.04 -27.31
CA GLU A 528 27.65 -6.39 -28.20
C GLU A 528 28.82 -7.31 -28.53
N GLY A 529 29.16 -8.20 -27.59
CA GLY A 529 29.99 -9.40 -27.84
C GLY A 529 31.21 -9.19 -28.71
N ARG A 530 32.16 -8.40 -28.20
CA ARG A 530 33.43 -8.14 -28.87
C ARG A 530 34.15 -9.47 -29.24
N ASN A 531 34.83 -10.09 -28.28
CA ASN A 531 35.56 -11.32 -28.51
C ASN A 531 35.04 -12.41 -27.55
N GLU A 532 35.74 -13.53 -27.49
CA GLU A 532 35.30 -14.67 -26.71
C GLU A 532 35.55 -14.45 -25.22
N SER A 533 36.75 -13.98 -24.89
CA SER A 533 37.12 -13.84 -23.51
C SER A 533 36.49 -12.59 -22.82
N TYR A 534 36.09 -11.56 -23.58
CA TYR A 534 35.29 -10.45 -23.05
C TYR A 534 33.92 -10.96 -22.65
N PHE A 535 33.33 -11.77 -23.52
CA PHE A 535 32.02 -12.35 -23.26
C PHE A 535 32.04 -13.14 -21.98
N LEU A 536 33.08 -13.95 -21.82
CA LEU A 536 33.16 -14.82 -20.67
C LEU A 536 33.37 -14.04 -19.38
N ARG A 537 34.18 -13.01 -19.39
CA ARG A 537 34.28 -12.11 -18.24
C ARG A 537 32.88 -11.53 -17.84
N LYS A 538 32.11 -11.11 -18.83
CA LYS A 538 30.78 -10.50 -18.59
C LYS A 538 29.80 -11.54 -18.08
N TYR A 539 29.87 -12.74 -18.65
CA TYR A 539 29.08 -13.88 -18.19
C TYR A 539 29.37 -14.22 -16.73
N ASN A 540 30.63 -14.20 -16.33
CA ASN A 540 30.97 -14.52 -14.95
C ASN A 540 30.54 -13.44 -13.99
N HIS A 541 30.59 -12.22 -14.46
CA HIS A 541 30.11 -11.09 -13.68
C HIS A 541 28.62 -11.19 -13.48
N VAL A 542 27.88 -11.58 -14.52
CA VAL A 542 26.43 -11.79 -14.38
C VAL A 542 26.16 -12.85 -13.34
N LYS A 543 26.84 -13.98 -13.43
CA LYS A 543 26.64 -15.10 -12.49
C LYS A 543 26.79 -14.66 -11.03
N ALA A 544 27.78 -13.81 -10.76
CA ALA A 544 28.04 -13.26 -9.43
C ALA A 544 26.98 -12.28 -8.96
N LEU A 545 26.54 -11.41 -9.87
CA LEU A 545 25.41 -10.53 -9.57
C LEU A 545 24.15 -11.38 -9.30
N GLN A 546 23.95 -12.49 -10.01
CA GLN A 546 22.77 -13.36 -9.72
C GLN A 546 22.81 -13.90 -8.29
N GLN A 547 24.02 -14.25 -7.85
CA GLN A 547 24.23 -14.74 -6.50
C GLN A 547 23.99 -13.64 -5.50
N GLN A 548 24.45 -12.43 -5.78
CA GLN A 548 24.18 -11.30 -4.88
C GLN A 548 22.69 -11.00 -4.71
N MET A 549 21.96 -11.09 -5.80
CA MET A 549 20.49 -10.92 -5.75
C MET A 549 19.83 -11.99 -4.90
N PHE A 550 20.35 -13.20 -4.94
CA PHE A 550 19.85 -14.31 -4.12
C PHE A 550 20.12 -14.03 -2.66
N TYR A 551 21.30 -13.53 -2.34
CA TYR A 551 21.62 -13.25 -0.94
C TYR A 551 20.70 -12.17 -0.36
N ILE A 552 20.40 -11.12 -1.12
CA ILE A 552 19.42 -10.10 -0.63
C ILE A 552 18.05 -10.76 -0.46
N ASP A 553 17.66 -11.60 -1.42
CA ASP A 553 16.36 -12.27 -1.36
C ASP A 553 16.18 -13.24 -0.18
N GLN A 554 17.27 -13.70 0.41
CA GLN A 554 17.23 -14.63 1.53
C GLN A 554 17.50 -13.98 2.84
N THR A 555 18.12 -12.82 2.87
CA THR A 555 18.42 -12.14 4.11
C THR A 555 17.56 -10.92 4.39
N SER A 556 16.93 -10.32 3.38
CA SER A 556 16.11 -9.14 3.60
C SER A 556 14.62 -9.44 3.60
N ASN A 557 13.90 -8.65 4.40
CA ASN A 557 12.48 -8.73 4.45
C ASN A 557 12.04 -10.16 4.61
N GLN A 558 12.58 -10.84 5.61
CA GLN A 558 12.27 -12.25 5.82
C GLN A 558 10.97 -12.43 6.65
N ASN A 559 9.85 -12.03 6.05
CA ASN A 559 8.54 -12.07 6.70
C ASN A 559 7.95 -13.45 6.49
N PRO A 560 6.91 -13.80 7.29
CA PRO A 560 6.46 -15.18 7.23
C PRO A 560 5.55 -15.51 6.06
N CYS A 561 5.18 -14.52 5.24
CA CYS A 561 4.22 -14.75 4.13
C CYS A 561 4.84 -14.85 2.75
N GLN A 562 5.54 -13.79 2.31
CA GLN A 562 6.23 -13.76 1.01
C GLN A 562 7.60 -13.12 1.30
N PRO A 563 8.56 -13.94 1.79
CA PRO A 563 9.84 -13.37 2.14
C PRO A 563 10.57 -12.91 0.88
N GLY A 564 11.47 -11.95 1.10
CA GLY A 564 12.39 -11.52 0.08
C GLY A 564 12.01 -10.22 -0.57
N VAL A 565 12.66 -9.98 -1.69
CA VAL A 565 12.70 -8.64 -2.26
C VAL A 565 12.66 -8.80 -3.75
N LYS A 566 11.58 -8.36 -4.38
CA LYS A 566 11.42 -8.37 -5.84
C LYS A 566 11.20 -6.96 -6.32
N THR A 567 11.80 -6.65 -7.47
CA THR A 567 11.76 -5.29 -8.01
C THR A 567 11.84 -5.39 -9.53
N ALA A 568 11.26 -4.38 -10.17
CA ALA A 568 11.18 -4.24 -11.61
C ALA A 568 10.82 -5.53 -12.30
N THR A 569 9.77 -6.17 -11.80
CA THR A 569 9.42 -7.52 -12.21
C THR A 569 8.60 -7.61 -13.49
N ARG A 570 7.86 -6.55 -13.84
CA ARG A 570 6.93 -6.65 -14.93
C ARG A 570 7.61 -6.74 -16.33
N VAL A 571 8.55 -5.83 -16.57
CA VAL A 571 9.20 -5.64 -17.84
C VAL A 571 10.73 -5.83 -17.76
N ILE A 572 11.38 -5.14 -16.82
CA ILE A 572 12.83 -5.07 -16.79
C ILE A 572 13.51 -6.41 -16.49
N LYS A 573 13.09 -7.11 -15.44
CA LYS A 573 13.74 -8.39 -15.13
CA LYS A 573 13.68 -8.43 -15.09
C LYS A 573 13.47 -9.45 -16.21
N PRO A 574 12.22 -9.55 -16.73
CA PRO A 574 12.07 -10.54 -17.80
C PRO A 574 12.91 -10.19 -19.04
N LEU A 575 13.00 -8.93 -19.44
CA LEU A 575 13.88 -8.56 -20.55
C LEU A 575 15.32 -9.05 -20.34
N ILE A 576 15.85 -8.83 -19.15
CA ILE A 576 17.23 -9.12 -18.86
C ILE A 576 17.45 -10.61 -18.81
N ASP A 577 16.55 -11.33 -18.16
CA ASP A 577 16.60 -12.77 -18.10
C ASP A 577 16.49 -13.45 -19.48
N ARG A 578 15.58 -12.95 -20.31
CA ARG A 578 15.40 -13.54 -21.63
C ARG A 578 16.55 -13.21 -22.57
N THR A 579 17.11 -12.01 -22.47
CA THR A 579 18.25 -11.63 -23.24
C THR A 579 19.50 -12.47 -22.89
N PHE A 580 19.74 -12.68 -21.59
CA PHE A 580 20.85 -13.52 -21.11
C PHE A 580 20.71 -14.96 -21.61
N ALA A 581 19.56 -15.57 -21.40
CA ALA A 581 19.29 -16.91 -21.90
C ALA A 581 19.59 -16.99 -23.38
N THR A 582 19.11 -16.03 -24.16
CA THR A 582 19.26 -16.02 -25.61
C THR A 582 20.74 -15.92 -26.03
N VAL A 583 21.46 -14.97 -25.46
CA VAL A 583 22.81 -14.69 -25.88
C VAL A 583 23.77 -15.82 -25.45
N VAL A 584 23.45 -16.50 -24.35
CA VAL A 584 24.21 -17.68 -23.88
C VAL A 584 24.00 -18.88 -24.81
N LYS A 585 22.77 -19.09 -25.26
CA LYS A 585 22.47 -20.07 -26.25
C LYS A 585 23.23 -19.80 -27.57
N PHE A 586 23.22 -18.56 -28.07
CA PHE A 586 23.93 -18.30 -29.33
C PHE A 586 25.42 -18.58 -29.17
N PHE A 587 25.96 -18.34 -27.97
CA PHE A 587 27.37 -18.50 -27.71
C PHE A 587 27.70 -19.99 -27.65
N ASN A 588 26.82 -20.78 -27.05
CA ASN A 588 27.02 -22.21 -27.04
C ASN A 588 27.00 -22.80 -28.46
N GLN A 589 26.01 -22.42 -29.24
CA GLN A 589 25.93 -22.79 -30.65
C GLN A 589 27.19 -22.41 -31.43
N LYS A 590 27.67 -21.19 -31.25
CA LYS A 590 28.77 -20.66 -32.03
C LYS A 590 30.11 -21.32 -31.69
N PHE A 591 30.43 -21.42 -30.41
CA PHE A 591 31.74 -21.91 -29.97
C PHE A 591 31.67 -23.31 -29.42
N ASN A 592 30.58 -24.02 -29.67
CA ASN A 592 30.40 -25.38 -29.20
C ASN A 592 30.67 -25.52 -27.67
N ALA A 593 30.17 -24.57 -26.89
CA ALA A 593 30.36 -24.57 -25.44
C ALA A 593 29.10 -25.05 -24.71
N HIS A 594 29.18 -25.10 -23.38
CA HIS A 594 28.08 -25.56 -22.51
C HIS A 594 27.87 -24.61 -21.30
N LEU A 595 27.86 -23.30 -21.52
CA LEU A 595 27.55 -22.35 -20.45
C LEU A 595 26.12 -22.53 -19.96
N ASP A 596 25.96 -22.44 -18.64
CA ASP A 596 24.66 -22.56 -18.00
C ASP A 596 23.86 -21.27 -18.31
N ALA A 597 22.64 -21.43 -18.82
CA ALA A 597 21.75 -20.32 -19.23
C ALA A 597 20.69 -19.93 -18.19
N THR A 598 20.74 -20.52 -17.00
CA THR A 598 19.71 -20.24 -15.98
C THR A 598 19.89 -18.85 -15.35
N THR A 599 18.75 -18.30 -15.00
CA THR A 599 18.59 -16.88 -14.74
C THR A 599 18.57 -16.57 -13.24
N ASP A 600 18.03 -17.46 -12.39
CA ASP A 600 18.07 -17.26 -10.95
C ASP A 600 19.03 -18.22 -10.26
N TYR A 601 19.96 -17.67 -9.46
CA TYR A 601 20.88 -18.48 -8.70
C TYR A 601 20.16 -19.37 -7.71
N MET A 602 20.57 -20.65 -7.69
CA MET A 602 19.99 -21.67 -6.83
C MET A 602 21.15 -22.57 -6.39
N PRO A 603 21.52 -22.55 -5.09
CA PRO A 603 22.66 -23.37 -4.64
C PRO A 603 22.40 -24.89 -4.58
N HIS A 604 21.15 -25.29 -4.53
CA HIS A 604 20.79 -26.72 -4.53
C HIS A 604 20.54 -27.16 -5.97
N LYS A 605 20.65 -28.48 -6.24
CA LYS A 605 20.42 -29.09 -7.59
C LYS A 605 19.32 -30.16 -7.59
N MET A 606 18.66 -30.37 -8.73
CA MET A 606 17.52 -31.31 -8.82
C MET A 606 17.45 -32.05 -10.18
N ILE A 607 18.09 -33.21 -10.27
CA ILE A 607 18.05 -34.06 -11.47
C ILE A 607 16.83 -34.99 -11.40
N SER A 608 16.26 -35.30 -12.57
CA SER A 608 15.07 -36.18 -12.68
C SER A 608 14.90 -36.78 -14.10
N ASN A 609 14.05 -37.82 -14.23
CA ASN A 609 13.67 -38.39 -15.53
C ASN A 609 12.40 -37.72 -16.09
N VAL A 610 11.40 -37.55 -15.24
CA VAL A 610 10.12 -36.92 -15.62
C VAL A 610 10.30 -35.57 -16.32
N LYS A 614 10.11 -31.22 -13.36
CA LYS A 614 11.42 -31.71 -13.80
C LYS A 614 12.33 -30.65 -14.45
N ASN A 615 11.73 -29.69 -15.13
CA ASN A 615 12.40 -28.43 -15.43
C ASN A 615 11.79 -27.34 -14.56
N LEU A 616 11.25 -27.79 -13.43
CA LEU A 616 10.69 -26.90 -12.44
C LEU A 616 11.92 -26.36 -11.69
N PRO A 617 12.07 -25.01 -11.65
CA PRO A 617 13.12 -24.48 -10.77
C PRO A 617 12.81 -24.74 -9.28
N LEU A 618 13.84 -25.16 -8.53
CA LEU A 618 13.75 -25.18 -7.07
C LEU A 618 13.63 -23.77 -6.55
N GLN A 619 12.94 -23.62 -5.43
CA GLN A 619 12.92 -22.36 -4.69
C GLN A 619 13.39 -22.53 -3.24
N VAL A 620 13.93 -21.47 -2.69
CA VAL A 620 14.28 -21.42 -1.30
C VAL A 620 13.40 -20.35 -0.64
N LYS A 621 12.66 -20.72 0.40
CA LYS A 621 11.86 -19.76 1.15
C LYS A 621 12.11 -20.03 2.64
N ALA A 622 12.69 -19.05 3.33
CA ALA A 622 13.12 -19.22 4.72
C ALA A 622 13.90 -20.55 4.85
N ASN A 623 13.50 -21.44 5.74
CA ASN A 623 14.17 -22.76 5.88
C ASN A 623 13.50 -23.89 5.07
N ARG A 624 12.69 -23.53 4.06
CA ARG A 624 12.04 -24.46 3.15
C ARG A 624 12.77 -24.48 1.80
N VAL A 625 13.08 -25.68 1.30
CA VAL A 625 13.56 -25.96 -0.06
C VAL A 625 12.43 -26.65 -0.78
N LEU A 626 12.01 -26.17 -1.95
CA LEU A 626 10.84 -26.74 -2.62
C LEU A 626 10.95 -26.79 -4.12
N ILE A 627 10.13 -27.63 -4.73
CA ILE A 627 9.97 -27.64 -6.19
C ILE A 627 8.79 -26.72 -6.55
N SER A 628 8.93 -25.96 -7.63
CA SER A 628 7.87 -25.04 -8.10
C SER A 628 6.65 -25.83 -8.54
N PRO A 629 5.46 -25.53 -7.97
CA PRO A 629 4.22 -26.23 -8.35
C PRO A 629 4.02 -26.30 -9.89
N ALA A 630 3.76 -27.52 -10.41
CA ALA A 630 3.64 -27.80 -11.87
C ALA A 630 2.25 -27.49 -12.47
N ASN A 631 2.12 -27.60 -13.80
CA ASN A 631 0.84 -27.40 -14.51
C ASN A 631 0.45 -28.58 -15.39
N GLU A 632 1.15 -28.77 -16.52
CA GLU A 632 1.05 -29.99 -17.32
C GLU A 632 1.02 -31.17 -16.35
N VAL A 633 -0.17 -31.72 -16.10
CA VAL A 633 -0.36 -32.82 -15.14
C VAL A 633 0.58 -33.95 -15.64
N VAL A 634 1.07 -34.81 -14.73
CA VAL A 634 2.42 -35.40 -14.90
C VAL A 634 2.49 -36.90 -15.26
N LYS A 635 3.44 -37.24 -16.15
CA LYS A 635 3.73 -38.63 -16.58
C LYS A 635 4.84 -39.27 -15.74
N TRP A 636 4.53 -40.38 -15.07
CA TRP A 636 5.46 -41.01 -14.12
C TRP A 636 5.23 -42.53 -14.11
N ALA A 637 6.24 -43.29 -14.55
CA ALA A 637 6.18 -44.75 -14.54
C ALA A 637 7.56 -45.40 -14.73
N ALA A 638 7.64 -46.70 -14.44
CA ALA A 638 8.84 -47.54 -14.61
C ALA A 638 10.08 -47.12 -13.78
N GLY A 639 9.91 -47.07 -12.45
CA GLY A 639 10.99 -46.68 -11.51
C GLY A 639 11.64 -45.30 -11.69
N ASN A 640 10.90 -44.35 -12.26
CA ASN A 640 11.41 -42.99 -12.51
C ASN A 640 11.53 -42.21 -11.21
N SER A 641 12.59 -41.41 -11.12
CA SER A 641 12.98 -40.73 -9.87
C SER A 641 13.10 -39.20 -10.00
N VAL A 642 12.82 -38.49 -8.90
CA VAL A 642 13.17 -37.06 -8.70
C VAL A 642 14.17 -36.91 -7.54
N GLU A 643 15.43 -36.57 -7.86
CA GLU A 643 16.53 -36.45 -6.85
C GLU A 643 16.92 -34.97 -6.62
N ILE A 644 16.82 -34.53 -5.35
CA ILE A 644 17.26 -33.21 -4.89
C ILE A 644 18.54 -33.39 -4.08
N GLU A 645 19.58 -32.63 -4.42
CA GLU A 645 20.80 -32.60 -3.66
C GLU A 645 20.94 -31.18 -3.13
N LEU A 646 20.99 -31.02 -1.81
CA LEU A 646 21.31 -29.71 -1.19
C LEU A 646 22.81 -29.45 -1.25
N ASP A 647 23.21 -28.25 -0.88
CA ASP A 647 24.59 -27.77 -1.02
C ASP A 647 25.44 -28.17 0.17
N ALA A 648 24.81 -28.80 1.16
CA ALA A 648 25.46 -29.27 2.39
C ALA A 648 24.50 -30.21 3.10
N ILE A 649 24.96 -30.80 4.22
CA ILE A 649 24.11 -31.66 5.05
C ILE A 649 23.46 -30.81 6.12
N TYR A 650 22.15 -30.96 6.32
CA TYR A 650 21.37 -30.19 7.30
C TYR A 650 20.54 -31.14 8.16
N PRO A 651 20.17 -30.71 9.38
CA PRO A 651 19.13 -31.46 10.11
C PRO A 651 17.75 -31.30 9.46
N GLY A 652 17.09 -32.40 9.13
CA GLY A 652 15.76 -32.34 8.53
C GLY A 652 14.66 -32.17 9.56
N GLU A 653 13.71 -31.28 9.29
CA GLU A 653 12.55 -31.08 10.17
C GLU A 653 11.44 -31.99 9.66
N ASN A 654 11.04 -31.75 8.41
CA ASN A 654 9.98 -32.53 7.76
C ASN A 654 9.93 -32.36 6.22
N ILE A 655 9.11 -33.20 5.61
CA ILE A 655 8.83 -33.18 4.18
C ILE A 655 7.31 -33.15 4.05
N GLN A 656 6.80 -32.42 3.06
CA GLN A 656 5.35 -32.37 2.75
C GLN A 656 5.14 -32.40 1.22
N ILE A 657 4.26 -33.29 0.77
CA ILE A 657 4.03 -33.59 -0.65
C ILE A 657 2.51 -33.69 -0.87
N ASN A 658 2.04 -33.21 -2.02
CA ASN A 658 0.59 -33.19 -2.32
C ASN A 658 0.35 -33.38 -3.82
N PHE A 659 -0.19 -34.55 -4.19
CA PHE A 659 -0.59 -34.87 -5.56
C PHE A 659 -2.10 -34.72 -5.68
N GLU A 671 12.71 -41.70 0.46
CA GLU A 671 14.14 -42.00 0.66
C GLU A 671 15.03 -40.76 0.95
N ILE A 672 15.98 -40.89 1.87
CA ILE A 672 16.95 -39.81 2.20
C ILE A 672 18.38 -40.33 2.34
N SER A 673 19.34 -39.42 2.27
CA SER A 673 20.73 -39.78 2.27
C SER A 673 21.58 -38.52 2.55
N THR A 674 22.74 -38.70 3.18
CA THR A 674 23.78 -37.66 3.24
C THR A 674 24.90 -37.96 2.24
N ASP A 675 24.82 -39.14 1.64
CA ASP A 675 25.93 -39.82 1.01
C ASP A 675 25.80 -39.81 -0.51
N GLY A 676 24.59 -40.00 -1.02
CA GLY A 676 24.38 -40.25 -2.44
C GLY A 676 23.90 -41.69 -2.62
N LYS A 677 24.69 -42.64 -2.11
CA LYS A 677 24.40 -44.08 -2.27
C LYS A 677 23.70 -44.75 -1.08
N GLU A 678 23.98 -44.28 0.14
CA GLU A 678 23.43 -44.88 1.36
C GLU A 678 22.04 -44.29 1.72
N TRP A 679 20.98 -45.06 1.42
CA TRP A 679 19.57 -44.61 1.54
C TRP A 679 18.81 -45.22 2.74
N LYS A 680 17.86 -44.45 3.27
CA LYS A 680 16.90 -44.90 4.29
C LYS A 680 15.53 -44.40 3.88
N THR A 681 14.50 -45.23 4.02
CA THR A 681 13.12 -44.86 3.67
C THR A 681 12.47 -43.99 4.77
N VAL A 682 11.45 -43.23 4.38
CA VAL A 682 10.53 -42.56 5.32
C VAL A 682 9.10 -42.99 4.97
N ASP A 683 8.23 -43.08 5.97
CA ASP A 683 6.82 -43.44 5.74
C ASP A 683 6.00 -42.17 5.91
N LEU A 684 5.25 -41.80 4.88
CA LEU A 684 4.39 -40.61 4.94
C LEU A 684 3.03 -40.92 5.59
N LYS A 685 2.49 -39.98 6.38
CA LYS A 685 1.07 -40.02 6.82
C LYS A 685 0.17 -39.67 5.62
N GLN A 686 -1.14 -39.50 5.86
CA GLN A 686 -2.10 -39.33 4.76
C GLN A 686 -3.34 -38.57 5.26
N LYS A 687 -3.70 -37.50 4.54
CA LYS A 687 -4.95 -36.76 4.71
C LYS A 687 -5.36 -36.18 3.34
N GLU A 688 -5.69 -37.06 2.40
CA GLU A 688 -5.93 -36.72 0.96
C GLU A 688 -4.62 -36.46 0.23
N ARG A 690 -2.56 -34.60 1.31
CA ARG A 690 -1.54 -34.13 2.26
C ARG A 690 -0.72 -35.29 2.84
N LEU A 691 0.39 -35.61 2.17
CA LEU A 691 1.36 -36.62 2.63
C LEU A 691 2.49 -35.87 3.36
N SER A 692 2.94 -36.37 4.51
CA SER A 692 3.94 -35.65 5.31
C SER A 692 4.61 -36.47 6.42
N ALA A 693 5.94 -36.34 6.55
CA ALA A 693 6.74 -37.05 7.55
C ALA A 693 7.85 -36.17 8.18
N GLY A 694 7.85 -36.05 9.52
CA GLY A 694 9.00 -35.51 10.26
C GLY A 694 10.24 -36.37 10.11
N LEU A 695 11.41 -35.74 10.11
CA LEU A 695 12.68 -36.45 9.99
C LEU A 695 13.50 -36.32 11.28
N GLN A 696 12.89 -35.72 12.32
CA GLN A 696 13.44 -35.69 13.67
C GLN A 696 14.96 -35.45 13.70
N LYS A 697 15.36 -34.41 12.96
CA LYS A 697 16.73 -33.87 12.87
C LYS A 697 17.75 -34.83 12.23
N ALA A 698 17.27 -35.77 11.43
CA ALA A 698 18.16 -36.70 10.72
C ALA A 698 19.02 -35.90 9.74
N PRO A 699 20.33 -36.19 9.66
CA PRO A 699 21.13 -35.51 8.63
C PRO A 699 20.62 -35.84 7.21
N VAL A 700 20.50 -34.82 6.38
CA VAL A 700 19.97 -34.97 5.03
C VAL A 700 20.72 -34.05 4.07
N LYS A 701 21.16 -34.64 2.96
CA LYS A 701 21.67 -33.91 1.79
C LYS A 701 20.99 -34.30 0.46
N PHE A 702 20.53 -35.54 0.33
CA PHE A 702 19.83 -36.00 -0.87
C PHE A 702 18.43 -36.42 -0.47
N VAL A 703 17.47 -36.21 -1.36
CA VAL A 703 16.07 -36.62 -1.15
C VAL A 703 15.60 -37.22 -2.48
N ARG A 704 15.14 -38.48 -2.47
CA ARG A 704 14.62 -39.17 -3.69
C ARG A 704 13.24 -39.82 -3.53
N PHE A 705 12.47 -39.76 -4.61
CA PHE A 705 11.10 -40.28 -4.68
C PHE A 705 10.91 -41.06 -5.99
N THR A 706 10.41 -42.30 -5.91
CA THR A 706 10.07 -43.12 -7.12
C THR A 706 8.69 -43.85 -6.99
N ASN A 707 7.82 -43.68 -8.00
CA ASN A 707 6.42 -44.27 -8.10
C ASN A 707 5.88 -45.36 -7.12
N VAL A 708 4.80 -44.99 -6.39
CA VAL A 708 4.12 -45.85 -5.39
C VAL A 708 2.61 -45.44 -5.22
N SER A 709 1.90 -46.09 -4.27
CA SER A 709 0.50 -45.77 -3.83
C SER A 709 -0.23 -44.60 -4.47
N GLN A 719 2.36 -30.07 -4.48
CA GLN A 719 3.54 -29.51 -3.81
C GLN A 719 4.65 -30.53 -3.45
N PHE A 720 5.83 -30.01 -3.11
CA PHE A 720 7.00 -30.83 -2.75
C PHE A 720 7.99 -29.94 -1.96
N VAL A 721 7.92 -30.03 -0.62
CA VAL A 721 8.63 -29.10 0.29
C VAL A 721 9.46 -29.81 1.38
N LEU A 722 10.77 -29.70 1.31
CA LEU A 722 11.63 -30.11 2.40
C LEU A 722 11.81 -28.91 3.33
N THR A 723 11.58 -29.10 4.63
CA THR A 723 11.89 -28.09 5.64
C THR A 723 13.12 -28.57 6.45
N ILE A 724 14.09 -27.68 6.65
CA ILE A 724 15.35 -28.00 7.33
C ILE A 724 15.60 -27.02 8.45
N GLU A 725 16.63 -27.27 9.26
CA GLU A 725 16.97 -26.36 10.36
C GLU A 725 17.95 -25.30 9.86
N LYS A 726 17.60 -24.03 10.08
CA LYS A 726 18.43 -22.88 9.64
C LYS A 726 18.59 -21.89 10.78
#